data_8B12
#
_entry.id   8B12
#
_cell.length_a   1.00
_cell.length_b   1.00
_cell.length_c   1.00
_cell.angle_alpha   90.00
_cell.angle_beta   90.00
_cell.angle_gamma   90.00
#
_symmetry.space_group_name_H-M   'P 1'
#
loop_
_entity.id
_entity.type
_entity.pdbx_description
1 polymer 'Major carboxysome shell protein CsoS1A'
2 polymer 'Carboxysome shell vertex protein CsoS4A'
3 polymer 'Carboxysome assembly protein CsoS2B'
4 water water
#
loop_
_entity_poly.entity_id
_entity_poly.type
_entity_poly.pdbx_seq_one_letter_code
_entity_poly.pdbx_strand_id
1 'polypeptide(L)'
;MADVTGIALGMIETRGLVPAIEAADAMTKAAEVRLVGRQFVGGGYVTVLVRGETGAVNAAVRAGADACERVGDGLVAAHI
IARVHSEVENILPKAPQA
;
A,B,C,D,E,F,H,I
2 'polypeptide(L)'
;MKIMQVEKTLVSTNRIADMGHKPLLVVWEKPGAPRQVAVDAIGCIPGDWVLCVGSSAAREAAGSKSYPSDLTIIGIIDQW
NGE
;
G
3 'polypeptide(L)'
;MNPADLSGLSGKELARARRAALSKQGKAAVSNKTASVNRSTKQAASSINTNQVRSSVNEVPTDYQMADQLCSTIDHADFG
TESNRVRDLCRQRREALSTIGKKAVKTNGKPSGRVRPQQSVVHNDAMIENAGDTNQSSSTSLNNELSEICSIADDMPERF
GSQAKTVRDICRARRQALSERGTRAVPPKPQSQGGPGRNGYQIDGYLDTALHGRDAAKRHREMLCQYGRGTAPSCKPTGR
VKNSVQSGNAAPKKVETGHTLSGGSVTGTQVDRKSHVTGNEPGTCRAVTGTEYVGTEQFTSFCNTSPKPNATKVNVTTTA
RGRPVSGTEVSRTEKVTGNESGVCRNVTGTEYMSNEAHFSLCGTAAKPSQADKVMFGATARTHQVVSGSDEFRPSSVTGN
ESGAKRTITGSQYADEGLARLTINGAPAKVARTHTFAGSDVTGTEIGRSTRVTGDESGSCRSISGTEYLSNEQFQSFCDT
KPQRSPFKVGQDRTNKGQSVTGNLVDRSELVTGNEPGSCSRVTGSQYGQSKICGGGVGKVRSMRTLRGTSVSGQQLDHAP
KMSGDERGGCMPVTGNEYYGREHFEPFCTSTPEPEAQSTEQSLTCEGQIISGTSVDASDLVTGNEIGEQQLISGDAYVGA
QQTGCLPTSPRFNQTGNVQSMGFKNTNQPEQNFAPGEVMPTDFSIQTPARSAQNRITGNDIAPSGRITGPGMLATGLITG
TPEFRHAARELVGSPQPMAMAMANRNKAAQAPVVQPEVVATQEKPELVCAPRSDQMDRVSGEGKERCHITGDDWSVNKHI
TGTAGQWASGRNPSMRGNARVVETSAFANRNVPKPEKPGSKITGSSGNDTQGSLITYSGGARG
;
X
#
# COMPACT_ATOMS: atom_id res chain seq x y z
N GLY A 6 -25.01 -29.48 9.67
CA GLY A 6 -25.36 -28.28 8.92
C GLY A 6 -24.17 -27.64 8.23
N ILE A 7 -24.38 -27.17 7.00
CA ILE A 7 -23.32 -26.62 6.17
C ILE A 7 -23.64 -25.21 5.69
N ALA A 8 -24.69 -24.60 6.21
CA ALA A 8 -24.97 -23.22 5.87
C ALA A 8 -23.98 -22.29 6.55
N LEU A 9 -23.75 -21.13 5.95
CA LEU A 9 -22.74 -20.19 6.40
C LEU A 9 -23.37 -18.87 6.81
N GLY A 10 -23.05 -18.41 8.00
CA GLY A 10 -23.42 -17.09 8.44
C GLY A 10 -22.21 -16.24 8.76
N MET A 11 -22.16 -15.02 8.22
CA MET A 11 -21.02 -14.15 8.41
C MET A 11 -21.50 -12.78 8.88
N ILE A 12 -20.83 -12.26 9.91
CA ILE A 12 -21.03 -10.89 10.36
C ILE A 12 -19.69 -10.18 10.31
N GLU A 13 -19.66 -9.03 9.65
CA GLU A 13 -18.49 -8.18 9.58
C GLU A 13 -18.72 -6.92 10.38
N THR A 14 -17.76 -6.56 11.22
CA THR A 14 -17.87 -5.41 12.09
C THR A 14 -16.61 -4.55 11.96
N ARG A 15 -16.71 -3.32 12.46
CA ARG A 15 -15.56 -2.44 12.62
C ARG A 15 -15.08 -2.55 14.06
N GLY A 16 -13.96 -3.25 14.26
CA GLY A 16 -13.44 -3.47 15.58
C GLY A 16 -13.81 -4.84 16.12
N LEU A 17 -13.04 -5.29 17.11
CA LEU A 17 -13.24 -6.61 17.68
C LEU A 17 -14.44 -6.68 18.62
N VAL A 18 -14.74 -5.60 19.34
CA VAL A 18 -15.78 -5.65 20.36
C VAL A 18 -17.16 -5.95 19.77
N PRO A 19 -17.63 -5.24 18.73
CA PRO A 19 -18.90 -5.65 18.11
C PRO A 19 -18.87 -7.05 17.55
N ALA A 20 -17.73 -7.50 17.03
CA ALA A 20 -17.65 -8.87 16.51
C ALA A 20 -17.83 -9.90 17.61
N ILE A 21 -17.21 -9.66 18.78
CA ILE A 21 -17.37 -10.59 19.90
C ILE A 21 -18.81 -10.57 20.41
N GLU A 22 -19.42 -9.38 20.49
CA GLU A 22 -20.81 -9.31 20.92
C GLU A 22 -21.72 -10.03 19.94
N ALA A 23 -21.47 -9.88 18.64
CA ALA A 23 -22.27 -10.57 17.63
C ALA A 23 -22.09 -12.08 17.72
N ALA A 24 -20.86 -12.55 17.96
CA ALA A 24 -20.64 -13.98 18.11
C ALA A 24 -21.39 -14.53 19.32
N ASP A 25 -21.36 -13.79 20.43
CA ASP A 25 -22.10 -14.19 21.62
C ASP A 25 -23.59 -14.29 21.31
N ALA A 26 -24.14 -13.29 20.63
CA ALA A 26 -25.57 -13.30 20.31
C ALA A 26 -25.92 -14.44 19.36
N MET A 27 -25.09 -14.68 18.34
CA MET A 27 -25.37 -15.75 17.38
C MET A 27 -25.39 -17.10 18.07
N THR A 28 -24.36 -17.39 18.85
CA THR A 28 -24.30 -18.70 19.48
C THR A 28 -25.29 -18.85 20.62
N LYS A 29 -25.80 -17.74 21.17
CA LYS A 29 -26.88 -17.84 22.14
C LYS A 29 -28.22 -18.10 21.47
N ALA A 30 -28.45 -17.52 20.29
CA ALA A 30 -29.78 -17.53 19.70
C ALA A 30 -30.13 -18.89 19.09
N ALA A 31 -29.18 -19.54 18.43
CA ALA A 31 -29.50 -20.72 17.64
C ALA A 31 -28.37 -21.73 17.76
N GLU A 32 -28.64 -22.95 17.27
CA GLU A 32 -27.69 -24.05 17.32
C GLU A 32 -26.74 -23.92 16.13
N VAL A 33 -25.79 -23.00 16.27
CA VAL A 33 -24.74 -22.79 15.28
C VAL A 33 -23.40 -22.92 15.98
N ARG A 34 -22.39 -23.31 15.21
CA ARG A 34 -21.03 -23.45 15.74
C ARG A 34 -20.15 -22.33 15.20
N LEU A 35 -19.39 -21.72 16.10
CA LEU A 35 -18.46 -20.66 15.73
C LEU A 35 -17.20 -21.28 15.15
N VAL A 36 -16.94 -21.02 13.88
CA VAL A 36 -15.84 -21.69 13.17
C VAL A 36 -14.68 -20.78 12.85
N GLY A 37 -14.81 -19.46 13.05
CA GLY A 37 -13.72 -18.58 12.70
C GLY A 37 -13.94 -17.17 13.18
N ARG A 38 -12.83 -16.47 13.36
CA ARG A 38 -12.80 -15.03 13.63
C ARG A 38 -11.58 -14.48 12.90
N GLN A 39 -11.82 -13.72 11.84
CA GLN A 39 -10.76 -13.24 10.96
C GLN A 39 -10.56 -11.74 11.16
N PHE A 40 -9.30 -11.36 11.34
CA PHE A 40 -8.91 -9.94 11.30
C PHE A 40 -8.60 -9.62 9.85
N VAL A 41 -9.57 -9.00 9.17
CA VAL A 41 -9.45 -8.72 7.75
C VAL A 41 -8.37 -7.70 7.46
N GLY A 42 -8.08 -6.82 8.39
CA GLY A 42 -7.20 -5.69 8.14
C GLY A 42 -8.00 -4.42 7.92
N GLY A 43 -7.41 -3.30 8.30
CA GLY A 43 -8.11 -2.04 8.22
C GLY A 43 -9.16 -1.83 9.28
N GLY A 44 -9.21 -2.70 10.29
CA GLY A 44 -10.22 -2.64 11.33
C GLY A 44 -11.35 -3.64 11.17
N TYR A 45 -11.54 -4.18 9.96
CA TYR A 45 -12.61 -5.14 9.74
C TYR A 45 -12.36 -6.44 10.51
N VAL A 46 -13.41 -6.95 11.14
CA VAL A 46 -13.37 -8.24 11.81
C VAL A 46 -14.59 -9.03 11.35
N THR A 47 -14.37 -10.28 10.96
CA THR A 47 -15.42 -11.16 10.47
C THR A 47 -15.51 -12.39 11.36
N VAL A 48 -16.72 -12.73 11.79
CA VAL A 48 -17.01 -13.94 12.55
C VAL A 48 -17.90 -14.83 11.69
N LEU A 49 -17.57 -16.10 11.62
CA LEU A 49 -18.27 -17.05 10.77
C LEU A 49 -18.90 -18.15 11.61
N VAL A 50 -20.13 -18.53 11.26
CA VAL A 50 -20.83 -19.61 11.93
C VAL A 50 -21.33 -20.60 10.89
N ARG A 51 -21.49 -21.85 11.31
CA ARG A 51 -22.03 -22.90 10.46
C ARG A 51 -23.19 -23.59 11.18
N GLY A 52 -24.13 -24.09 10.39
CA GLY A 52 -25.26 -24.82 10.94
C GLY A 52 -26.29 -25.07 9.85
N GLU A 53 -27.47 -25.50 10.29
CA GLU A 53 -28.57 -25.65 9.35
C GLU A 53 -29.10 -24.27 8.94
N THR A 54 -29.91 -24.25 7.88
CA THR A 54 -30.34 -22.99 7.29
C THR A 54 -31.15 -22.15 8.28
N GLY A 55 -32.10 -22.78 8.98
CA GLY A 55 -32.90 -22.03 9.95
C GLY A 55 -32.08 -21.54 11.13
N ALA A 56 -31.19 -22.39 11.64
CA ALA A 56 -30.31 -21.97 12.73
C ALA A 56 -29.42 -20.82 12.29
N VAL A 57 -28.85 -20.89 11.09
CA VAL A 57 -27.97 -19.82 10.61
C VAL A 57 -28.76 -18.53 10.41
N ASN A 58 -29.97 -18.62 9.85
CA ASN A 58 -30.80 -17.42 9.68
C ASN A 58 -31.07 -16.75 11.01
N ALA A 59 -31.53 -17.54 12.00
CA ALA A 59 -31.84 -16.97 13.32
C ALA A 59 -30.59 -16.39 13.96
N ALA A 60 -29.47 -17.10 13.89
CA ALA A 60 -28.24 -16.66 14.54
C ALA A 60 -27.73 -15.36 13.93
N VAL A 61 -27.74 -15.25 12.60
CA VAL A 61 -27.25 -14.04 11.95
C VAL A 61 -28.17 -12.87 12.28
N ARG A 62 -29.49 -13.10 12.28
CA ARG A 62 -30.39 -12.01 12.64
C ARG A 62 -30.14 -11.53 14.07
N ALA A 63 -29.96 -12.47 15.01
CA ALA A 63 -29.71 -12.08 16.40
C ALA A 63 -28.39 -11.32 16.54
N GLY A 64 -27.33 -11.81 15.89
CA GLY A 64 -26.04 -11.14 15.98
C GLY A 64 -26.06 -9.75 15.39
N ALA A 65 -26.71 -9.60 14.23
CA ALA A 65 -26.83 -8.27 13.63
C ALA A 65 -27.62 -7.34 14.52
N ASP A 66 -28.69 -7.83 15.14
CA ASP A 66 -29.47 -7.01 16.06
C ASP A 66 -28.63 -6.59 17.26
N ALA A 67 -27.80 -7.50 17.78
CA ALA A 67 -27.07 -7.23 19.01
C ALA A 67 -25.89 -6.29 18.81
N CYS A 68 -25.15 -6.43 17.70
CA CYS A 68 -23.91 -5.69 17.52
C CYS A 68 -24.10 -4.40 16.73
N GLU A 69 -25.34 -4.00 16.47
CA GLU A 69 -25.59 -2.85 15.60
C GLU A 69 -25.06 -1.55 16.20
N ARG A 70 -25.27 -1.33 17.50
CA ARG A 70 -24.87 -0.11 18.17
C ARG A 70 -23.73 -0.32 19.15
N VAL A 71 -22.83 -1.27 18.86
CA VAL A 71 -21.68 -1.55 19.71
C VAL A 71 -20.42 -1.07 19.00
N GLY A 72 -19.66 -0.21 19.67
CA GLY A 72 -18.42 0.28 19.10
C GLY A 72 -18.65 1.06 17.82
N ASP A 73 -17.89 0.73 16.79
CA ASP A 73 -18.02 1.36 15.49
C ASP A 73 -19.03 0.65 14.60
N GLY A 74 -19.72 -0.36 15.11
CA GLY A 74 -20.93 -0.83 14.48
C GLY A 74 -20.76 -2.07 13.61
N LEU A 75 -21.73 -2.22 12.72
CA LEU A 75 -21.88 -3.40 11.87
C LEU A 75 -21.62 -3.03 10.41
N VAL A 76 -20.94 -3.92 9.70
CA VAL A 76 -20.62 -3.73 8.29
C VAL A 76 -21.45 -4.65 7.40
N ALA A 77 -21.49 -5.94 7.72
CA ALA A 77 -22.17 -6.92 6.90
C ALA A 77 -22.80 -7.99 7.78
N ALA A 78 -23.94 -8.49 7.33
CA ALA A 78 -24.60 -9.65 7.93
C ALA A 78 -25.17 -10.47 6.77
N HIS A 79 -24.56 -11.62 6.50
CA HIS A 79 -24.82 -12.34 5.26
C HIS A 79 -25.02 -13.81 5.54
N ILE A 80 -25.84 -14.45 4.71
CA ILE A 80 -26.14 -15.87 4.81
C ILE A 80 -25.89 -16.52 3.44
N ILE A 81 -25.19 -17.65 3.45
CA ILE A 81 -25.10 -18.52 2.28
C ILE A 81 -25.55 -19.90 2.73
N ALA A 82 -26.70 -20.34 2.22
CA ALA A 82 -27.25 -21.63 2.63
C ALA A 82 -26.35 -22.79 2.23
N ARG A 83 -25.68 -22.70 1.09
CA ARG A 83 -24.82 -23.79 0.63
C ARG A 83 -23.69 -23.17 -0.19
N VAL A 84 -22.51 -23.08 0.41
CA VAL A 84 -21.34 -22.58 -0.29
C VAL A 84 -20.80 -23.65 -1.24
N HIS A 85 -20.21 -23.19 -2.33
CA HIS A 85 -19.57 -24.08 -3.29
C HIS A 85 -18.36 -24.75 -2.65
N SER A 86 -18.06 -25.97 -3.12
CA SER A 86 -16.96 -26.73 -2.54
C SER A 86 -15.64 -26.00 -2.66
N GLU A 87 -15.47 -25.17 -3.69
CA GLU A 87 -14.25 -24.37 -3.81
C GLU A 87 -14.10 -23.39 -2.67
N VAL A 88 -15.20 -22.80 -2.21
CA VAL A 88 -15.15 -21.80 -1.15
C VAL A 88 -14.74 -22.39 0.19
N GLU A 89 -14.85 -23.71 0.36
CA GLU A 89 -14.43 -24.34 1.62
C GLU A 89 -12.95 -24.15 1.90
N ASN A 90 -12.14 -24.00 0.86
CA ASN A 90 -10.71 -23.85 1.06
C ASN A 90 -10.36 -22.52 1.72
N ILE A 91 -11.22 -21.50 1.57
CA ILE A 91 -10.96 -20.18 2.14
C ILE A 91 -11.85 -19.92 3.35
N LEU A 92 -12.41 -20.96 3.96
CA LEU A 92 -13.22 -20.81 5.16
C LEU A 92 -12.57 -21.56 6.31
N PRO A 93 -12.38 -20.92 7.47
CA PRO A 93 -11.81 -21.63 8.62
C PRO A 93 -12.74 -22.73 9.10
N LYS A 94 -12.15 -23.84 9.51
CA LYS A 94 -12.93 -24.93 10.11
C LYS A 94 -13.06 -24.78 11.61
N ALA A 95 -12.06 -24.20 12.27
CA ALA A 95 -12.07 -23.96 13.70
C ALA A 95 -11.40 -22.62 13.97
N PRO A 96 -11.79 -21.93 15.03
CA PRO A 96 -11.15 -20.66 15.37
C PRO A 96 -9.94 -20.87 16.28
N GLN A 97 -9.19 -19.79 16.47
CA GLN A 97 -8.02 -19.82 17.34
C GLN A 97 -8.06 -18.67 18.35
N ALA A 98 -7.92 -19.01 19.62
N GLY B 6 -14.97 -16.00 37.96
CA GLY B 6 -15.33 -14.84 37.17
C GLY B 6 -15.59 -15.15 35.70
N ILE B 7 -16.86 -15.14 35.31
CA ILE B 7 -17.24 -15.50 33.96
C ILE B 7 -17.59 -14.28 33.10
N ALA B 8 -17.94 -13.15 33.71
CA ALA B 8 -18.29 -11.97 32.94
C ALA B 8 -17.09 -11.45 32.16
N LEU B 9 -17.36 -10.81 31.02
CA LEU B 9 -16.34 -10.33 30.11
C LEU B 9 -16.47 -8.82 29.95
N GLY B 10 -15.38 -8.11 30.16
CA GLY B 10 -15.33 -6.69 29.88
C GLY B 10 -14.33 -6.36 28.79
N MET B 11 -14.75 -5.62 27.78
CA MET B 11 -13.86 -5.23 26.69
C MET B 11 -13.91 -3.74 26.47
N ILE B 12 -12.74 -3.16 26.23
CA ILE B 12 -12.61 -1.75 25.85
C ILE B 12 -11.80 -1.69 24.57
N GLU B 13 -12.33 -1.00 23.57
CA GLU B 13 -11.65 -0.80 22.29
C GLU B 13 -11.21 0.65 22.20
N THR B 14 -9.96 0.87 21.81
CA THR B 14 -9.38 2.20 21.71
C THR B 14 -8.71 2.37 20.36
N ARG B 15 -8.45 3.63 20.01
CA ARG B 15 -7.64 3.97 18.84
C ARG B 15 -6.21 4.18 19.32
N GLY B 16 -5.34 3.22 19.03
CA GLY B 16 -3.97 3.26 19.48
C GLY B 16 -3.75 2.42 20.73
N LEU B 17 -2.50 2.02 20.94
CA LEU B 17 -2.14 1.13 22.03
C LEU B 17 -2.10 1.84 23.38
N VAL B 18 -1.69 3.11 23.41
CA VAL B 18 -1.51 3.80 24.69
C VAL B 18 -2.81 3.93 25.48
N PRO B 19 -3.94 4.37 24.89
CA PRO B 19 -5.20 4.33 25.64
C PRO B 19 -5.60 2.93 26.05
N ALA B 20 -5.27 1.91 25.26
CA ALA B 20 -5.60 0.54 25.64
C ALA B 20 -4.83 0.12 26.89
N ILE B 21 -3.54 0.44 26.94
CA ILE B 21 -2.75 0.10 28.12
C ILE B 21 -3.24 0.87 29.34
N GLU B 22 -3.57 2.15 29.15
CA GLU B 22 -4.12 2.93 30.26
C GLU B 22 -5.44 2.34 30.75
N ALA B 23 -6.30 1.93 29.82
CA ALA B 23 -7.57 1.31 30.19
C ALA B 23 -7.35 0.00 30.94
N ALA B 24 -6.40 -0.81 30.49
CA ALA B 24 -6.11 -2.07 31.19
C ALA B 24 -5.61 -1.82 32.60
N ASP B 25 -4.71 -0.84 32.76
CA ASP B 25 -4.20 -0.51 34.08
C ASP B 25 -5.31 -0.02 35.00
N ALA B 26 -6.17 0.88 34.48
CA ALA B 26 -7.27 1.38 35.27
C ALA B 26 -8.25 0.27 35.64
N MET B 27 -8.55 -0.63 34.70
CA MET B 27 -9.49 -1.70 34.96
C MET B 27 -8.95 -2.65 36.03
N THR B 28 -7.68 -3.06 35.91
CA THR B 28 -7.13 -3.98 36.88
C THR B 28 -6.93 -3.33 38.24
N LYS B 29 -6.74 -2.01 38.29
CA LYS B 29 -6.66 -1.35 39.58
C LYS B 29 -8.04 -1.17 40.22
N ALA B 30 -9.07 -0.93 39.40
CA ALA B 30 -10.37 -0.53 39.95
C ALA B 30 -11.07 -1.68 40.65
N ALA B 31 -11.02 -2.88 40.07
CA ALA B 31 -11.79 -4.00 40.59
C ALA B 31 -11.02 -5.29 40.37
N GLU B 32 -11.48 -6.34 41.03
CA GLU B 32 -10.86 -7.66 40.94
C GLU B 32 -11.23 -8.29 39.61
N VAL B 33 -10.46 -7.98 38.58
CA VAL B 33 -10.65 -8.52 37.24
C VAL B 33 -9.32 -8.98 36.70
N ARG B 34 -9.33 -10.12 36.01
CA ARG B 34 -8.13 -10.66 35.39
C ARG B 34 -8.02 -10.14 33.96
N LEU B 35 -6.89 -9.52 33.64
CA LEU B 35 -6.61 -9.10 32.27
C LEU B 35 -6.19 -10.33 31.47
N VAL B 36 -6.99 -10.69 30.47
CA VAL B 36 -6.79 -11.92 29.72
C VAL B 36 -6.29 -11.69 28.30
N GLY B 37 -6.36 -10.47 27.80
CA GLY B 37 -5.88 -10.24 26.45
C GLY B 37 -5.79 -8.80 26.01
N ARG B 38 -4.83 -8.53 25.13
CA ARG B 38 -4.72 -7.28 24.40
C ARG B 38 -4.58 -7.64 22.93
N GLN B 39 -5.53 -7.23 22.11
CA GLN B 39 -5.58 -7.63 20.70
C GLN B 39 -5.31 -6.44 19.80
N PHE B 40 -4.38 -6.61 18.87
CA PHE B 40 -4.16 -5.63 17.81
C PHE B 40 -5.11 -5.97 16.68
N VAL B 41 -6.23 -5.24 16.63
CA VAL B 41 -7.30 -5.56 15.69
C VAL B 41 -6.87 -5.26 14.25
N GLY B 42 -6.16 -4.17 14.06
CA GLY B 42 -5.87 -3.66 12.74
C GLY B 42 -6.52 -2.30 12.53
N GLY B 43 -5.88 -1.48 11.71
CA GLY B 43 -6.37 -0.14 11.49
C GLY B 43 -6.20 0.80 12.65
N GLY B 44 -5.45 0.42 13.68
CA GLY B 44 -5.27 1.22 14.86
C GLY B 44 -6.10 0.78 16.06
N TYR B 45 -7.12 -0.04 15.84
CA TYR B 45 -7.93 -0.54 16.94
C TYR B 45 -7.11 -1.45 17.84
N VAL B 46 -7.22 -1.24 19.15
CA VAL B 46 -6.67 -2.14 20.14
C VAL B 46 -7.77 -2.44 21.16
N THR B 47 -7.99 -3.73 21.44
CA THR B 47 -8.99 -4.15 22.39
C THR B 47 -8.32 -4.81 23.58
N VAL B 48 -8.80 -4.49 24.77
CA VAL B 48 -8.35 -5.10 26.02
C VAL B 48 -9.53 -5.82 26.65
N LEU B 49 -9.28 -7.04 27.13
CA LEU B 49 -10.34 -7.89 27.67
C LEU B 49 -10.03 -8.27 29.10
N VAL B 50 -11.05 -8.21 29.96
CA VAL B 50 -10.93 -8.60 31.35
C VAL B 50 -12.06 -9.58 31.68
N ARG B 51 -11.79 -10.46 32.65
CA ARG B 51 -12.77 -11.41 33.15
C ARG B 51 -12.91 -11.25 34.65
N GLY B 52 -14.12 -11.50 35.15
CA GLY B 52 -14.38 -11.40 36.57
C GLY B 52 -15.86 -11.51 36.84
N GLU B 53 -16.22 -11.23 38.09
CA GLU B 53 -17.62 -11.21 38.48
C GLU B 53 -18.34 -10.02 37.85
N THR B 54 -19.66 -10.11 37.78
CA THR B 54 -20.45 -9.13 37.06
C THR B 54 -20.24 -7.71 37.62
N GLY B 55 -20.33 -7.56 38.94
CA GLY B 55 -20.13 -6.25 39.53
C GLY B 55 -18.72 -5.73 39.36
N ALA B 56 -17.73 -6.61 39.54
CA ALA B 56 -16.35 -6.24 39.32
C ALA B 56 -16.12 -5.79 37.88
N VAL B 57 -16.70 -6.52 36.93
CA VAL B 57 -16.55 -6.16 35.51
C VAL B 57 -17.22 -4.83 35.23
N ASN B 58 -18.40 -4.59 35.81
CA ASN B 58 -19.08 -3.30 35.64
C ASN B 58 -18.18 -2.15 36.10
N ALA B 59 -17.67 -2.26 37.33
CA ALA B 59 -16.81 -1.21 37.87
C ALA B 59 -15.55 -1.05 37.03
N ALA B 60 -14.93 -2.17 36.64
CA ALA B 60 -13.68 -2.12 35.89
C ALA B 60 -13.87 -1.43 34.55
N VAL B 61 -14.93 -1.79 33.83
CA VAL B 61 -15.15 -1.20 32.51
C VAL B 61 -15.45 0.29 32.64
N ARG B 62 -16.23 0.68 33.65
CA ARG B 62 -16.49 2.11 33.84
C ARG B 62 -15.20 2.87 34.13
N ALA B 63 -14.37 2.34 35.03
CA ALA B 63 -13.12 3.02 35.35
C ALA B 63 -12.20 3.09 34.14
N GLY B 64 -12.12 2.00 33.37
CA GLY B 64 -11.26 1.99 32.20
C GLY B 64 -11.69 3.00 31.16
N ALA B 65 -13.00 3.05 30.87
CA ALA B 65 -13.50 4.01 29.90
C ALA B 65 -13.22 5.44 30.36
N ASP B 66 -13.50 5.73 31.63
CA ASP B 66 -13.25 7.07 32.15
C ASP B 66 -11.78 7.44 32.09
N ALA B 67 -10.89 6.48 32.39
CA ALA B 67 -9.47 6.79 32.44
C ALA B 67 -8.86 6.94 31.05
N CYS B 68 -9.34 6.16 30.08
CA CYS B 68 -8.72 6.17 28.76
C CYS B 68 -9.41 7.09 27.75
N GLU B 69 -10.57 7.67 28.08
CA GLU B 69 -11.25 8.53 27.12
C GLU B 69 -10.41 9.74 26.75
N ARG B 70 -9.60 10.26 27.68
CA ARG B 70 -8.80 11.45 27.43
C ARG B 70 -7.39 11.13 26.95
N VAL B 71 -7.01 9.87 26.88
CA VAL B 71 -5.64 9.49 26.52
C VAL B 71 -5.57 9.21 25.03
N GLY B 72 -4.65 9.88 24.35
CA GLY B 72 -4.40 9.61 22.94
C GLY B 72 -5.60 9.90 22.07
N ASP B 73 -5.84 9.02 21.10
CA ASP B 73 -6.96 9.18 20.19
C ASP B 73 -8.27 8.69 20.78
N GLY B 74 -8.24 8.15 22.00
CA GLY B 74 -9.44 8.00 22.80
C GLY B 74 -10.06 6.63 22.78
N LEU B 75 -11.32 6.59 23.17
CA LEU B 75 -12.07 5.37 23.42
C LEU B 75 -13.06 5.12 22.29
N VAL B 76 -13.15 3.87 21.84
CA VAL B 76 -14.08 3.47 20.80
C VAL B 76 -15.30 2.76 21.37
N ALA B 77 -15.09 1.77 22.24
CA ALA B 77 -16.19 0.98 22.76
C ALA B 77 -15.89 0.55 24.19
N ALA B 78 -16.96 0.47 24.99
CA ALA B 78 -16.92 -0.12 26.33
C ALA B 78 -18.10 -1.06 26.43
N HIS B 79 -17.83 -2.36 26.55
CA HIS B 79 -18.86 -3.37 26.43
C HIS B 79 -18.70 -4.40 27.53
N ILE B 80 -19.83 -4.93 27.98
CA ILE B 80 -19.87 -5.99 28.99
C ILE B 80 -20.73 -7.13 28.45
N ILE B 81 -20.20 -8.35 28.52
CA ILE B 81 -20.99 -9.56 28.33
C ILE B 81 -20.98 -10.30 29.66
N ALA B 82 -22.16 -10.37 30.30
CA ALA B 82 -22.24 -10.91 31.65
C ALA B 82 -22.13 -12.42 31.69
N ARG B 83 -22.59 -13.11 30.66
CA ARG B 83 -22.56 -14.57 30.61
C ARG B 83 -22.16 -14.97 29.19
N VAL B 84 -20.87 -15.19 28.98
CA VAL B 84 -20.37 -15.51 27.65
C VAL B 84 -20.72 -16.95 27.30
N HIS B 85 -21.10 -17.18 26.04
CA HIS B 85 -21.41 -18.52 25.58
C HIS B 85 -20.13 -19.33 25.44
N SER B 86 -20.26 -20.64 25.67
CA SER B 86 -19.09 -21.52 25.61
C SER B 86 -18.46 -21.52 24.21
N GLU B 87 -19.26 -21.25 23.18
CA GLU B 87 -18.72 -21.14 21.83
C GLU B 87 -17.77 -19.96 21.72
N VAL B 88 -18.11 -18.84 22.36
CA VAL B 88 -17.32 -17.62 22.26
C VAL B 88 -15.94 -17.77 22.93
N GLU B 89 -15.80 -18.71 23.86
CA GLU B 89 -14.51 -18.87 24.53
C GLU B 89 -13.43 -19.38 23.59
N ASN B 90 -13.80 -19.91 22.43
CA ASN B 90 -12.79 -20.36 21.47
C ASN B 90 -12.04 -19.20 20.85
N ILE B 91 -12.68 -18.03 20.74
CA ILE B 91 -12.04 -16.85 20.15
C ILE B 91 -11.57 -15.87 21.22
N LEU B 92 -11.83 -16.15 22.49
CA LEU B 92 -11.38 -15.27 23.57
C LEU B 92 -10.02 -15.73 24.07
N PRO B 93 -9.00 -14.87 24.10
CA PRO B 93 -7.73 -15.25 24.70
C PRO B 93 -7.89 -15.56 26.18
N LYS B 94 -7.18 -16.59 26.63
CA LYS B 94 -7.22 -16.96 28.04
C LYS B 94 -6.10 -16.33 28.85
N ALA B 95 -4.94 -16.09 28.22
CA ALA B 95 -3.82 -15.44 28.87
C ALA B 95 -3.27 -14.39 27.92
N PRO B 96 -2.94 -13.21 28.42
CA PRO B 96 -2.47 -12.13 27.56
C PRO B 96 -1.02 -12.33 27.13
N GLN B 97 -0.67 -11.65 26.04
CA GLN B 97 0.67 -11.74 25.47
C GLN B 97 1.36 -10.38 25.44
N ALA B 98 2.55 -10.31 26.03
N GLY C 6 12.13 2.29 39.22
CA GLY C 6 12.56 1.49 38.10
C GLY C 6 11.42 0.77 37.40
N ILE C 7 10.21 0.94 37.95
CA ILE C 7 9.04 0.21 37.50
C ILE C 7 7.96 1.12 36.92
N ALA C 8 8.22 2.43 36.86
CA ALA C 8 7.30 3.31 36.16
C ALA C 8 7.36 3.03 34.65
N LEU C 9 6.25 3.32 33.98
CA LEU C 9 6.12 3.10 32.55
C LEU C 9 5.82 4.41 31.85
N GLY C 10 6.58 4.70 30.81
CA GLY C 10 6.34 5.86 29.96
C GLY C 10 6.04 5.42 28.55
N MET C 11 5.07 6.09 27.92
CA MET C 11 4.60 5.68 26.61
C MET C 11 4.41 6.90 25.72
N ILE C 12 4.89 6.80 24.49
CA ILE C 12 4.64 7.81 23.47
C ILE C 12 4.13 7.10 22.23
N GLU C 13 2.97 7.54 21.74
CA GLU C 13 2.38 7.01 20.52
C GLU C 13 2.42 8.10 19.45
N THR C 14 2.85 7.74 18.25
CA THR C 14 2.99 8.69 17.15
C THR C 14 2.29 8.14 15.91
N ARG C 15 2.12 9.01 14.92
CA ARG C 15 1.66 8.63 13.59
C ARG C 15 2.87 8.51 12.68
N GLY C 16 3.26 7.28 12.37
CA GLY C 16 4.46 7.04 11.61
C GLY C 16 5.63 6.64 12.49
N LEU C 17 6.60 5.97 11.88
CA LEU C 17 7.75 5.48 12.62
C LEU C 17 8.76 6.57 12.92
N VAL C 18 8.92 7.56 12.05
CA VAL C 18 9.94 8.59 12.27
C VAL C 18 9.71 9.40 13.54
N PRO C 19 8.52 9.94 13.80
CA PRO C 19 8.30 10.59 15.10
C PRO C 19 8.49 9.66 16.28
N ALA C 20 8.14 8.39 16.14
CA ALA C 20 8.35 7.44 17.24
C ALA C 20 9.83 7.25 17.53
N ILE C 21 10.66 7.11 16.48
CA ILE C 21 12.09 6.96 16.69
C ILE C 21 12.67 8.23 17.30
N GLU C 22 12.22 9.40 16.84
CA GLU C 22 12.70 10.65 17.41
C GLU C 22 12.29 10.75 18.88
N ALA C 23 11.07 10.36 19.20
CA ALA C 23 10.60 10.40 20.59
C ALA C 23 11.39 9.45 21.47
N ALA C 24 11.67 8.24 20.99
CA ALA C 24 12.46 7.30 21.78
C ALA C 24 13.88 7.82 21.99
N ASP C 25 14.47 8.40 20.95
CA ASP C 25 15.80 9.00 21.07
C ASP C 25 15.81 10.10 22.11
N ALA C 26 14.83 11.01 22.04
CA ALA C 26 14.76 12.11 23.00
C ALA C 26 14.50 11.60 24.42
N MET C 27 13.66 10.58 24.55
CA MET C 27 13.34 10.02 25.86
C MET C 27 14.59 9.43 26.51
N THR C 28 15.29 8.56 25.77
CA THR C 28 16.48 7.94 26.34
C THR C 28 17.63 8.93 26.49
N LYS C 29 17.60 10.05 25.79
CA LYS C 29 18.58 11.10 26.03
C LYS C 29 18.23 11.98 27.21
N ALA C 30 16.95 12.09 27.56
CA ALA C 30 16.53 13.02 28.61
C ALA C 30 16.87 12.51 30.01
N ALA C 31 16.70 11.22 30.26
CA ALA C 31 16.86 10.68 31.60
C ALA C 31 17.35 9.24 31.51
N GLU C 32 17.42 8.59 32.66
CA GLU C 32 17.87 7.21 32.77
C GLU C 32 16.67 6.28 32.64
N VAL C 33 16.26 6.06 31.40
CA VAL C 33 15.14 5.17 31.09
C VAL C 33 15.62 4.12 30.11
N ARG C 34 15.11 2.91 30.26
CA ARG C 34 15.40 1.80 29.35
C ARG C 34 14.29 1.70 28.32
N LEU C 35 14.66 1.65 27.04
CA LEU C 35 13.70 1.49 25.97
C LEU C 35 13.35 0.02 25.85
N VAL C 36 12.14 -0.34 26.30
CA VAL C 36 11.76 -1.75 26.40
C VAL C 36 10.92 -2.22 25.22
N GLY C 37 10.39 -1.31 24.41
CA GLY C 37 9.56 -1.76 23.31
C GLY C 37 9.23 -0.72 22.27
N ARG C 38 9.16 -1.15 21.01
CA ARG C 38 8.66 -0.34 19.91
C ARG C 38 7.63 -1.19 19.18
N GLN C 39 6.37 -0.80 19.29
CA GLN C 39 5.26 -1.60 18.80
C GLN C 39 4.65 -0.96 17.56
N PHE C 40 4.50 -1.75 16.50
CA PHE C 40 3.76 -1.32 15.31
C PHE C 40 2.30 -1.69 15.56
N VAL C 41 1.51 -0.72 16.01
CA VAL C 41 0.14 -0.99 16.43
C VAL C 41 -0.72 -1.42 15.25
N GLY C 42 -0.56 -0.76 14.11
CA GLY C 42 -1.41 -1.01 12.96
C GLY C 42 -2.08 0.26 12.50
N GLY C 43 -2.21 0.44 11.19
CA GLY C 43 -2.81 1.66 10.68
C GLY C 43 -1.93 2.88 10.78
N GLY C 44 -0.64 2.71 11.05
CA GLY C 44 0.29 3.80 11.15
C GLY C 44 0.71 4.17 12.56
N TYR C 45 -0.03 3.73 13.58
CA TYR C 45 0.34 4.02 14.96
C TYR C 45 1.62 3.27 15.34
N VAL C 46 2.51 3.97 16.04
CA VAL C 46 3.72 3.37 16.61
C VAL C 46 3.82 3.81 18.06
N THR C 47 4.11 2.86 18.95
CA THR C 47 4.27 3.15 20.37
C THR C 47 5.65 2.73 20.81
N VAL C 48 6.34 3.63 21.51
CA VAL C 48 7.62 3.34 22.14
C VAL C 48 7.44 3.43 23.65
N LEU C 49 7.96 2.44 24.36
CA LEU C 49 7.72 2.28 25.79
C LEU C 49 9.05 2.30 26.53
N VAL C 50 9.09 3.05 27.63
CA VAL C 50 10.28 3.13 28.47
C VAL C 50 9.92 2.73 29.89
N ARG C 51 10.92 2.23 30.62
CA ARG C 51 10.78 1.88 32.03
C ARG C 51 11.87 2.56 32.82
N GLY C 52 11.57 2.88 34.07
CA GLY C 52 12.54 3.51 34.94
C GLY C 52 11.86 4.10 36.16
N GLU C 53 12.65 4.87 36.90
CA GLU C 53 12.14 5.56 38.08
C GLU C 53 11.11 6.61 37.66
N THR C 54 10.18 6.91 38.57
CA THR C 54 9.05 7.77 38.23
C THR C 54 9.51 9.15 37.75
N GLY C 55 10.48 9.75 38.44
CA GLY C 55 10.97 11.05 38.00
C GLY C 55 11.69 10.99 36.67
N ALA C 56 12.53 9.97 36.48
CA ALA C 56 13.22 9.81 35.21
C ALA C 56 12.22 9.57 34.07
N VAL C 57 11.21 8.74 34.31
CA VAL C 57 10.18 8.50 33.29
C VAL C 57 9.42 9.79 33.00
N ASN C 58 9.11 10.57 34.04
CA ASN C 58 8.41 11.83 33.85
C ASN C 58 9.19 12.77 32.94
N ALA C 59 10.47 12.99 33.27
CA ALA C 59 11.29 13.88 32.47
C ALA C 59 11.47 13.35 31.05
N ALA C 60 11.71 12.05 30.92
CA ALA C 60 11.92 11.45 29.61
C ALA C 60 10.68 11.60 28.73
N VAL C 61 9.50 11.33 29.28
CA VAL C 61 8.28 11.41 28.49
C VAL C 61 7.99 12.85 28.10
N ARG C 62 8.21 13.80 29.01
CA ARG C 62 8.00 15.20 28.66
C ARG C 62 8.93 15.62 27.51
N ALA C 63 10.21 15.27 27.61
CA ALA C 63 11.16 15.63 26.55
C ALA C 63 10.80 14.96 25.23
N GLY C 64 10.42 13.68 25.28
CA GLY C 64 10.10 12.97 24.06
C GLY C 64 8.87 13.54 23.36
N ALA C 65 7.83 13.87 24.14
CA ALA C 65 6.64 14.47 23.56
C ALA C 65 6.97 15.81 22.93
N ASP C 66 7.75 16.64 23.62
CA ASP C 66 8.15 17.93 23.06
C ASP C 66 8.93 17.74 21.76
N ALA C 67 9.80 16.73 21.72
CA ALA C 67 10.67 16.55 20.56
C ALA C 67 9.90 15.98 19.36
N CYS C 68 8.92 15.11 19.61
CA CYS C 68 8.23 14.43 18.52
C CYS C 68 6.93 15.10 18.11
N GLU C 69 6.50 16.17 18.79
CA GLU C 69 5.26 16.84 18.39
C GLU C 69 5.33 17.34 16.95
N ARG C 70 6.48 17.89 16.54
CA ARG C 70 6.61 18.57 15.26
C ARG C 70 7.31 17.74 14.19
N VAL C 71 7.30 16.42 14.32
CA VAL C 71 8.03 15.53 13.41
C VAL C 71 7.01 14.68 12.65
N GLY C 72 7.08 14.73 11.33
CA GLY C 72 6.19 13.93 10.51
C GLY C 72 4.73 14.25 10.75
N ASP C 73 3.92 13.22 10.93
CA ASP C 73 2.51 13.39 11.23
C ASP C 73 2.26 13.65 12.71
N GLY C 74 3.29 13.60 13.55
CA GLY C 74 3.21 14.14 14.88
C GLY C 74 2.96 13.12 15.97
N LEU C 75 2.51 13.64 17.11
CA LEU C 75 2.35 12.90 18.34
C LEU C 75 0.88 12.59 18.61
N VAL C 76 0.60 11.37 19.03
CA VAL C 76 -0.75 10.97 19.42
C VAL C 76 -0.94 11.03 20.93
N ALA C 77 -0.01 10.45 21.69
CA ALA C 77 -0.20 10.33 23.13
C ALA C 77 1.15 10.34 23.84
N ALA C 78 1.19 11.01 24.99
CA ALA C 78 2.34 10.97 25.89
C ALA C 78 1.82 10.67 27.28
N HIS C 79 2.05 9.45 27.76
CA HIS C 79 1.40 8.94 28.95
C HIS C 79 2.42 8.36 29.91
N ILE C 80 2.24 8.62 31.20
CA ILE C 80 3.08 8.10 32.26
C ILE C 80 2.21 7.29 33.22
N ILE C 81 2.62 6.07 33.51
CA ILE C 81 2.03 5.26 34.57
C ILE C 81 3.12 5.06 35.62
N ALA C 82 2.97 5.73 36.76
CA ALA C 82 3.99 5.68 37.80
C ALA C 82 4.05 4.31 38.46
N ARG C 83 2.90 3.73 38.77
CA ARG C 83 2.80 2.45 39.44
C ARG C 83 1.98 1.51 38.55
N VAL C 84 2.67 0.63 37.83
CA VAL C 84 1.98 -0.29 36.93
C VAL C 84 1.40 -1.45 37.73
N HIS C 85 0.15 -1.79 37.43
CA HIS C 85 -0.46 -2.99 37.99
C HIS C 85 0.24 -4.23 37.48
N SER C 86 0.43 -5.20 38.37
CA SER C 86 1.16 -6.41 38.02
C SER C 86 0.50 -7.19 36.89
N GLU C 87 -0.82 -7.03 36.71
CA GLU C 87 -1.50 -7.70 35.61
C GLU C 87 -1.12 -7.08 34.26
N VAL C 88 -0.86 -5.76 34.25
CA VAL C 88 -0.50 -5.08 33.01
C VAL C 88 0.88 -5.48 32.53
N GLU C 89 1.74 -5.97 33.43
CA GLU C 89 3.08 -6.40 33.03
C GLU C 89 3.04 -7.50 31.99
N ASN C 90 1.96 -8.29 31.96
CA ASN C 90 1.86 -9.38 31.00
C ASN C 90 1.80 -8.86 29.57
N ILE C 91 1.15 -7.73 29.34
CA ILE C 91 1.03 -7.17 28.00
C ILE C 91 2.13 -6.13 27.77
N LEU C 92 3.06 -6.03 28.70
CA LEU C 92 4.09 -5.06 28.34
C LEU C 92 5.35 -5.77 27.85
N PRO C 93 5.98 -5.25 26.80
CA PRO C 93 7.24 -5.84 26.33
C PRO C 93 8.35 -5.66 27.36
N LYS C 94 9.24 -6.65 27.40
CA LYS C 94 10.40 -6.62 28.29
C LYS C 94 11.67 -6.18 27.58
N ALA C 95 11.77 -6.40 26.27
CA ALA C 95 12.95 -6.02 25.50
C ALA C 95 12.50 -5.66 24.09
N PRO C 96 13.19 -4.75 23.43
CA PRO C 96 12.80 -4.37 22.06
C PRO C 96 13.35 -5.36 21.04
N GLN C 97 13.13 -5.05 19.78
CA GLN C 97 13.59 -5.89 18.68
C GLN C 97 13.71 -5.10 17.39
N ALA C 98 14.68 -5.47 16.56
N GLY D 6 30.06 6.33 10.32
CA GLY D 6 29.41 7.30 11.20
C GLY D 6 28.14 6.77 11.83
N ILE D 7 27.76 7.34 12.97
CA ILE D 7 26.60 6.86 13.73
C ILE D 7 25.42 7.82 13.64
N ALA D 8 25.46 8.79 12.73
CA ALA D 8 24.29 9.64 12.51
C ALA D 8 23.21 8.85 11.78
N LEU D 9 21.96 9.25 12.01
CA LEU D 9 20.81 8.57 11.45
C LEU D 9 19.99 9.55 10.61
N GLY D 10 19.68 9.15 9.40
CA GLY D 10 18.76 9.89 8.54
C GLY D 10 17.54 9.05 8.25
N MET D 11 16.37 9.68 8.34
CA MET D 11 15.10 8.97 8.20
C MET D 11 14.19 9.74 7.26
N ILE D 12 13.60 9.04 6.31
CA ILE D 12 12.57 9.60 5.45
C ILE D 12 11.35 8.69 5.52
N GLU D 13 10.21 9.27 5.83
CA GLU D 13 8.94 8.56 5.88
C GLU D 13 8.07 9.04 4.73
N THR D 14 7.52 8.10 3.96
CA THR D 14 6.72 8.43 2.80
C THR D 14 5.40 7.66 2.86
N ARG D 15 4.43 8.13 2.08
CA ARG D 15 3.16 7.45 1.90
C ARG D 15 3.29 6.55 0.67
N GLY D 16 3.52 5.27 0.89
CA GLY D 16 3.75 4.34 -0.20
C GLY D 16 5.23 4.03 -0.38
N LEU D 17 5.48 2.93 -1.11
CA LEU D 17 6.84 2.43 -1.24
C LEU D 17 7.61 3.12 -2.37
N VAL D 18 6.92 3.56 -3.42
CA VAL D 18 7.61 4.20 -4.54
C VAL D 18 8.34 5.47 -4.13
N PRO D 19 7.72 6.42 -3.42
CA PRO D 19 8.49 7.59 -2.97
C PRO D 19 9.60 7.22 -2.00
N ALA D 20 9.41 6.18 -1.19
CA ALA D 20 10.47 5.74 -0.30
C ALA D 20 11.68 5.23 -1.08
N ILE D 21 11.44 4.49 -2.16
CA ILE D 21 12.53 3.99 -2.99
C ILE D 21 13.24 5.15 -3.69
N GLU D 22 12.48 6.12 -4.19
CA GLU D 22 13.10 7.30 -4.79
C GLU D 22 13.94 8.06 -3.76
N ALA D 23 13.43 8.20 -2.55
CA ALA D 23 14.18 8.89 -1.50
C ALA D 23 15.45 8.14 -1.16
N ALA D 24 15.39 6.82 -1.04
CA ALA D 24 16.59 6.04 -0.75
C ALA D 24 17.62 6.17 -1.86
N ASP D 25 17.17 6.13 -3.12
CA ASP D 25 18.08 6.29 -4.24
C ASP D 25 18.75 7.66 -4.22
N ALA D 26 17.97 8.71 -3.96
CA ALA D 26 18.54 10.05 -3.90
C ALA D 26 19.53 10.18 -2.74
N MET D 27 19.18 9.64 -1.57
CA MET D 27 20.05 9.73 -0.41
C MET D 27 21.37 9.01 -0.66
N THR D 28 21.32 7.82 -1.25
CA THR D 28 22.55 7.07 -1.46
C THR D 28 23.39 7.63 -2.60
N LYS D 29 22.75 8.29 -3.58
CA LYS D 29 23.53 8.94 -4.63
C LYS D 29 24.14 10.26 -4.17
N ALA D 30 23.51 10.94 -3.21
CA ALA D 30 23.94 12.28 -2.85
C ALA D 30 25.10 12.30 -1.87
N ALA D 31 25.31 11.24 -1.08
CA ALA D 31 26.33 11.27 -0.03
C ALA D 31 26.72 9.85 0.33
N GLU D 32 27.80 9.74 1.09
CA GLU D 32 28.32 8.46 1.56
C GLU D 32 27.55 8.03 2.80
N VAL D 33 26.36 7.47 2.57
CA VAL D 33 25.54 6.92 3.63
C VAL D 33 25.15 5.51 3.24
N ARG D 34 24.90 4.67 4.25
CA ARG D 34 24.53 3.29 4.03
C ARG D 34 23.05 3.11 4.35
N LEU D 35 22.32 2.50 3.41
CA LEU D 35 20.91 2.19 3.61
C LEU D 35 20.81 0.97 4.52
N VAL D 36 20.29 1.16 5.73
CA VAL D 36 20.26 0.10 6.73
C VAL D 36 18.87 -0.50 6.91
N GLY D 37 17.83 0.11 6.37
CA GLY D 37 16.51 -0.44 6.54
C GLY D 37 15.40 0.20 5.75
N ARG D 38 14.45 -0.62 5.33
CA ARG D 38 13.18 -0.16 4.78
C ARG D 38 12.08 -0.84 5.59
N GLN D 39 11.24 -0.04 6.25
CA GLN D 39 10.24 -0.56 7.17
C GLN D 39 8.85 -0.22 6.67
N PHE D 40 7.98 -1.23 6.65
CA PHE D 40 6.56 -1.03 6.39
C PHE D 40 5.89 -0.79 7.73
N VAL D 41 5.62 0.49 8.03
CA VAL D 41 5.10 0.87 9.34
C VAL D 41 3.66 0.38 9.50
N GLY D 42 2.89 0.41 8.43
CA GLY D 42 1.47 0.13 8.49
C GLY D 42 0.67 1.35 8.12
N GLY D 43 -0.50 1.11 7.52
CA GLY D 43 -1.31 2.21 7.04
C GLY D 43 -0.76 2.94 5.85
N GLY D 44 0.23 2.37 5.17
CA GLY D 44 0.85 3.01 4.03
C GLY D 44 2.17 3.71 4.32
N TYR D 45 2.53 3.88 5.59
CA TYR D 45 3.79 4.51 5.93
C TYR D 45 4.95 3.60 5.57
N VAL D 46 5.97 4.17 4.93
CA VAL D 46 7.21 3.48 4.63
C VAL D 46 8.37 4.37 5.07
N THR D 47 9.30 3.80 5.82
CA THR D 47 10.44 4.54 6.34
C THR D 47 11.73 3.94 5.80
N VAL D 48 12.60 4.80 5.27
CA VAL D 48 13.94 4.40 4.85
C VAL D 48 14.94 5.09 5.77
N LEU D 49 15.92 4.32 6.24
CA LEU D 49 16.87 4.80 7.23
C LEU D 49 18.30 4.66 6.70
N VAL D 50 19.11 5.69 6.92
CA VAL D 50 20.50 5.70 6.50
C VAL D 50 21.38 6.05 7.68
N ARG D 51 22.61 5.53 7.66
CA ARG D 51 23.61 5.81 8.68
C ARG D 51 24.86 6.36 8.01
N GLY D 52 25.57 7.22 8.74
CA GLY D 52 26.79 7.79 8.21
C GLY D 52 27.25 8.95 9.08
N GLU D 53 28.17 9.74 8.54
CA GLU D 53 28.62 10.93 9.23
C GLU D 53 27.54 12.01 9.19
N THR D 54 27.66 12.98 10.10
CA THR D 54 26.61 14.00 10.24
C THR D 54 26.45 14.82 8.97
N GLY D 55 27.56 15.27 8.37
CA GLY D 55 27.46 16.03 7.15
C GLY D 55 26.87 15.20 6.01
N ALA D 56 27.32 13.96 5.86
CA ALA D 56 26.79 13.09 4.82
C ALA D 56 25.30 12.82 5.03
N VAL D 57 24.89 12.56 6.28
CA VAL D 57 23.49 12.31 6.56
C VAL D 57 22.65 13.56 6.29
N ASN D 58 23.16 14.73 6.67
CA ASN D 58 22.47 15.99 6.40
C ASN D 58 22.24 16.17 4.90
N ALA D 59 23.30 16.01 4.11
CA ALA D 59 23.18 16.15 2.66
C ALA D 59 22.22 15.11 2.08
N ALA D 60 22.34 13.85 2.52
CA ALA D 60 21.50 12.78 1.99
C ALA D 60 20.03 13.02 2.29
N VAL D 61 19.72 13.40 3.52
CA VAL D 61 18.32 13.63 3.89
C VAL D 61 17.75 14.81 3.13
N ARG D 62 18.53 15.88 2.96
CA ARG D 62 18.03 17.01 2.19
C ARG D 62 17.74 16.62 0.75
N ALA D 63 18.67 15.88 0.12
CA ALA D 63 18.46 15.46 -1.27
C ALA D 63 17.27 14.54 -1.40
N GLY D 64 17.12 13.57 -0.49
CA GLY D 64 15.99 12.66 -0.55
C GLY D 64 14.66 13.36 -0.35
N ALA D 65 14.62 14.29 0.62
CA ALA D 65 13.39 15.04 0.86
C ALA D 65 13.01 15.87 -0.35
N ASP D 66 14.00 16.47 -1.03
CA ASP D 66 13.69 17.18 -2.26
C ASP D 66 13.19 16.23 -3.34
N ALA D 67 13.79 15.05 -3.45
CA ALA D 67 13.52 14.18 -4.58
C ALA D 67 12.16 13.50 -4.47
N CYS D 68 11.77 13.08 -3.28
CA CYS D 68 10.55 12.28 -3.14
C CYS D 68 9.31 13.10 -2.88
N GLU D 69 9.41 14.44 -2.85
CA GLU D 69 8.29 15.26 -2.41
C GLU D 69 7.11 15.23 -3.38
N ARG D 70 7.35 14.94 -4.66
CA ARG D 70 6.30 14.91 -5.66
C ARG D 70 6.05 13.51 -6.22
N VAL D 71 6.57 12.47 -5.58
CA VAL D 71 6.46 11.11 -6.08
C VAL D 71 5.32 10.42 -5.35
N GLY D 72 4.32 9.99 -6.11
CA GLY D 72 3.17 9.32 -5.51
C GLY D 72 2.47 10.21 -4.52
N ASP D 73 2.13 9.64 -3.36
CA ASP D 73 1.47 10.41 -2.31
C ASP D 73 2.44 11.22 -1.46
N GLY D 74 3.74 11.09 -1.69
CA GLY D 74 4.68 12.10 -1.24
C GLY D 74 5.33 11.82 0.10
N LEU D 75 6.00 12.86 0.58
CA LEU D 75 6.81 12.78 1.79
C LEU D 75 5.97 13.00 3.03
N VAL D 76 6.31 12.29 4.10
CA VAL D 76 5.73 12.50 5.42
C VAL D 76 6.72 13.18 6.36
N ALA D 77 7.91 12.61 6.53
CA ALA D 77 8.91 13.13 7.43
C ALA D 77 10.29 12.95 6.84
N ALA D 78 11.14 13.96 7.02
CA ALA D 78 12.56 13.89 6.69
C ALA D 78 13.32 14.40 7.90
N HIS D 79 13.96 13.50 8.64
CA HIS D 79 14.52 13.82 9.94
C HIS D 79 15.96 13.36 10.01
N ILE D 80 16.76 14.08 10.79
CA ILE D 80 18.16 13.77 11.01
C ILE D 80 18.44 13.78 12.50
N ILE D 81 19.17 12.77 12.96
CA ILE D 81 19.69 12.71 14.33
C ILE D 81 21.20 12.57 14.22
N ALA D 82 21.94 13.55 14.74
CA ALA D 82 23.39 13.52 14.64
C ALA D 82 23.99 12.35 15.41
N ARG D 83 23.51 12.10 16.62
CA ARG D 83 24.04 11.03 17.47
C ARG D 83 22.87 10.24 18.04
N VAL D 84 22.83 8.95 17.71
CA VAL D 84 21.77 8.08 18.18
C VAL D 84 22.15 7.53 19.54
N HIS D 85 21.21 7.59 20.49
CA HIS D 85 21.42 6.97 21.78
C HIS D 85 21.51 5.46 21.63
N SER D 86 22.35 4.84 22.47
CA SER D 86 22.57 3.40 22.37
C SER D 86 21.30 2.60 22.57
N GLU D 87 20.34 3.13 23.32
CA GLU D 87 19.06 2.44 23.50
C GLU D 87 18.31 2.33 22.18
N VAL D 88 18.32 3.38 21.37
CA VAL D 88 17.59 3.38 20.11
C VAL D 88 18.23 2.43 19.09
N GLU D 89 19.50 2.12 19.23
CA GLU D 89 20.15 1.17 18.33
C GLU D 89 19.49 -0.20 18.35
N ASN D 90 18.77 -0.53 19.42
CA ASN D 90 18.09 -1.81 19.51
C ASN D 90 16.82 -1.86 18.65
N ILE D 91 16.26 -0.72 18.28
CA ILE D 91 15.05 -0.68 17.45
C ILE D 91 15.34 -0.20 16.04
N LEU D 92 16.61 -0.14 15.65
CA LEU D 92 16.99 0.28 14.31
C LEU D 92 17.57 -0.89 13.54
N PRO D 93 17.07 -1.19 12.34
CA PRO D 93 17.64 -2.28 11.55
C PRO D 93 19.10 -2.03 11.21
N LYS D 94 19.89 -3.09 11.22
CA LYS D 94 21.30 -2.99 10.85
C LYS D 94 21.51 -3.22 9.36
N ALA D 95 20.79 -4.17 8.77
CA ALA D 95 20.84 -4.43 7.35
C ALA D 95 19.42 -4.50 6.81
N PRO D 96 19.19 -4.05 5.58
CA PRO D 96 17.84 -4.10 5.00
C PRO D 96 17.56 -5.42 4.28
N GLN D 97 16.37 -5.52 3.69
CA GLN D 97 16.01 -6.70 2.91
C GLN D 97 14.90 -6.38 1.91
N ALA D 98 14.62 -7.31 1.01
N GLY E 6 18.61 -5.07 -19.34
CA GLY E 6 18.67 -3.71 -18.80
C GLY E 6 18.60 -3.67 -17.28
N ILE E 7 19.07 -2.56 -16.71
CA ILE E 7 19.16 -2.40 -15.27
C ILE E 7 18.27 -1.29 -14.73
N ALA E 8 17.52 -0.60 -15.60
CA ALA E 8 16.61 0.43 -15.12
C ALA E 8 15.48 -0.20 -14.33
N LEU E 9 14.90 0.59 -13.43
CA LEU E 9 13.82 0.14 -12.56
C LEU E 9 12.59 1.00 -12.79
N GLY E 10 11.45 0.34 -12.95
CA GLY E 10 10.18 1.03 -13.05
C GLY E 10 9.20 0.45 -12.05
N MET E 11 8.44 1.34 -11.41
CA MET E 11 7.51 0.95 -10.36
C MET E 11 6.17 1.60 -10.56
N ILE E 12 5.11 0.87 -10.20
CA ILE E 12 3.75 1.38 -10.19
C ILE E 12 3.13 1.04 -8.85
N GLU E 13 2.60 2.05 -8.17
CA GLU E 13 1.90 1.88 -6.90
C GLU E 13 0.41 2.07 -7.14
N THR E 14 -0.39 1.18 -6.58
CA THR E 14 -1.84 1.18 -6.79
C THR E 14 -2.56 1.06 -5.46
N ARG E 15 -3.86 1.33 -5.50
CA ARG E 15 -4.77 1.09 -4.37
C ARG E 15 -5.49 -0.22 -4.62
N GLY E 16 -4.97 -1.30 -4.07
CA GLY E 16 -5.56 -2.61 -4.24
C GLY E 16 -4.75 -3.49 -5.18
N LEU E 17 -4.98 -4.79 -5.05
CA LEU E 17 -4.20 -5.77 -5.81
C LEU E 17 -4.62 -5.85 -7.27
N VAL E 18 -5.92 -5.70 -7.56
CA VAL E 18 -6.39 -5.85 -8.94
C VAL E 18 -5.77 -4.83 -9.89
N PRO E 19 -5.75 -3.53 -9.58
CA PRO E 19 -5.01 -2.59 -10.44
C PRO E 19 -3.53 -2.91 -10.54
N ALA E 20 -2.92 -3.42 -9.46
CA ALA E 20 -1.50 -3.76 -9.53
C ALA E 20 -1.25 -4.90 -10.50
N ILE E 21 -2.11 -5.92 -10.50
CA ILE E 21 -1.94 -7.04 -11.41
C ILE E 21 -2.21 -6.60 -12.84
N GLU E 22 -3.21 -5.74 -13.04
CA GLU E 22 -3.43 -5.19 -14.38
C GLU E 22 -2.23 -4.37 -14.85
N ALA E 23 -1.65 -3.58 -13.96
CA ALA E 23 -0.47 -2.78 -14.33
C ALA E 23 0.70 -3.68 -14.68
N ALA E 24 0.92 -4.75 -13.91
CA ALA E 24 2.00 -5.68 -14.22
C ALA E 24 1.78 -6.35 -15.58
N ASP E 25 0.55 -6.77 -15.86
CA ASP E 25 0.25 -7.41 -17.13
C ASP E 25 0.50 -6.45 -18.29
N ALA E 26 -0.01 -5.22 -18.18
CA ALA E 26 0.19 -4.23 -19.23
C ALA E 26 1.66 -3.88 -19.40
N MET E 27 2.38 -3.76 -18.29
CA MET E 27 3.80 -3.41 -18.34
C MET E 27 4.60 -4.48 -19.06
N THR E 28 4.34 -5.75 -18.73
CA THR E 28 5.10 -6.83 -19.37
C THR E 28 4.69 -7.02 -20.82
N LYS E 29 3.42 -6.79 -21.15
CA LYS E 29 3.00 -6.93 -22.54
C LYS E 29 3.46 -5.78 -23.41
N ALA E 30 3.63 -4.58 -22.83
CA ALA E 30 3.91 -3.40 -23.62
C ALA E 30 5.34 -3.36 -24.12
N ALA E 31 6.32 -3.72 -23.29
CA ALA E 31 7.72 -3.48 -23.62
C ALA E 31 8.56 -4.64 -23.11
N GLU E 32 9.87 -4.56 -23.38
CA GLU E 32 10.81 -5.62 -23.02
C GLU E 32 11.27 -5.38 -21.58
N VAL E 33 10.41 -5.76 -20.64
CA VAL E 33 10.69 -5.66 -19.22
C VAL E 33 10.34 -6.99 -18.56
N ARG E 34 10.95 -7.23 -17.41
CA ARG E 34 10.64 -8.42 -16.63
C ARG E 34 10.11 -7.99 -15.26
N LEU E 35 9.14 -8.76 -14.76
CA LEU E 35 8.56 -8.48 -13.45
C LEU E 35 9.47 -9.05 -12.38
N VAL E 36 9.88 -8.22 -11.43
CA VAL E 36 10.80 -8.63 -10.38
C VAL E 36 10.17 -8.66 -9.01
N GLY E 37 8.98 -8.11 -8.84
CA GLY E 37 8.34 -8.16 -7.53
C GLY E 37 7.01 -7.47 -7.42
N ARG E 38 6.12 -8.06 -6.63
CA ARG E 38 4.90 -7.42 -6.17
C ARG E 38 4.98 -7.33 -4.65
N GLN E 39 4.80 -6.12 -4.12
CA GLN E 39 4.96 -5.88 -2.69
C GLN E 39 3.66 -5.34 -2.12
N PHE E 40 3.24 -5.91 -0.99
CA PHE E 40 2.11 -5.40 -0.22
C PHE E 40 2.64 -4.38 0.77
N VAL E 41 2.34 -3.11 0.53
CA VAL E 41 2.96 -2.03 1.30
C VAL E 41 2.30 -1.86 2.67
N GLY E 42 1.01 -2.10 2.76
CA GLY E 42 0.26 -1.85 3.98
C GLY E 42 -0.76 -0.77 3.74
N GLY E 43 -1.92 -0.89 4.39
CA GLY E 43 -2.96 0.09 4.24
C GLY E 43 -3.62 0.13 2.88
N GLY E 44 -3.49 -0.94 2.09
CA GLY E 44 -4.11 -1.03 0.79
C GLY E 44 -3.19 -0.78 -0.40
N TYR E 45 -1.96 -0.34 -0.16
CA TYR E 45 -1.03 -0.06 -1.25
C TYR E 45 -0.39 -1.34 -1.75
N VAL E 46 -0.29 -1.47 -3.07
CA VAL E 46 0.45 -2.56 -3.70
C VAL E 46 1.41 -1.96 -4.71
N THR E 47 2.67 -2.42 -4.68
CA THR E 47 3.71 -1.92 -5.58
C THR E 47 4.20 -3.06 -6.46
N VAL E 48 4.24 -2.81 -7.77
CA VAL E 48 4.80 -3.75 -8.74
C VAL E 48 6.05 -3.13 -9.34
N LEU E 49 7.09 -3.94 -9.51
CA LEU E 49 8.39 -3.47 -9.94
C LEU E 49 8.86 -4.24 -11.17
N VAL E 50 9.44 -3.52 -12.13
CA VAL E 50 9.96 -4.12 -13.35
C VAL E 50 11.36 -3.61 -13.60
N ARG E 51 12.14 -4.41 -14.32
CA ARG E 51 13.50 -4.06 -14.71
C ARG E 51 13.66 -4.23 -16.21
N GLY E 52 14.56 -3.45 -16.79
CA GLY E 52 14.83 -3.54 -18.21
C GLY E 52 15.63 -2.35 -18.68
N GLU E 53 15.73 -2.23 -20.01
CA GLU E 53 16.36 -1.08 -20.61
C GLU E 53 15.54 0.18 -20.33
N THR E 54 16.24 1.32 -20.26
CA THR E 54 15.62 2.56 -19.78
C THR E 54 14.42 2.95 -20.66
N GLY E 55 14.60 2.92 -21.98
CA GLY E 55 13.48 3.25 -22.86
C GLY E 55 12.36 2.23 -22.79
N ALA E 56 12.72 0.95 -22.73
CA ALA E 56 11.72 -0.09 -22.53
C ALA E 56 10.96 0.11 -21.22
N VAL E 57 11.69 0.44 -20.16
CA VAL E 57 11.04 0.70 -18.87
C VAL E 57 10.10 1.89 -18.98
N ASN E 58 10.52 2.94 -19.69
CA ASN E 58 9.67 4.11 -19.84
C ASN E 58 8.36 3.76 -20.53
N ALA E 59 8.45 3.06 -21.66
CA ALA E 59 7.24 2.65 -22.37
C ALA E 59 6.37 1.73 -21.51
N ALA E 60 6.99 0.78 -20.82
CA ALA E 60 6.24 -0.18 -20.01
C ALA E 60 5.49 0.52 -18.90
N VAL E 61 6.16 1.42 -18.17
CA VAL E 61 5.52 2.10 -17.05
C VAL E 61 4.41 3.02 -17.54
N ARG E 62 4.61 3.69 -18.69
CA ARG E 62 3.55 4.51 -19.24
C ARG E 62 2.31 3.68 -19.56
N ALA E 63 2.51 2.54 -20.21
CA ALA E 63 1.37 1.68 -20.55
C ALA E 63 0.70 1.15 -19.30
N GLY E 64 1.48 0.78 -18.29
CA GLY E 64 0.91 0.29 -17.05
C GLY E 64 0.07 1.32 -16.33
N ALA E 65 0.56 2.56 -16.27
CA ALA E 65 -0.21 3.63 -15.66
C ALA E 65 -1.52 3.85 -16.41
N ASP E 66 -1.46 3.90 -17.74
CA ASP E 66 -2.67 4.12 -18.52
C ASP E 66 -3.66 2.97 -18.35
N ALA E 67 -3.15 1.74 -18.21
CA ALA E 67 -4.04 0.60 -18.09
C ALA E 67 -4.68 0.53 -16.71
N CYS E 68 -3.92 0.81 -15.66
CA CYS E 68 -4.42 0.63 -14.30
C CYS E 68 -5.12 1.85 -13.74
N GLU E 69 -5.10 2.99 -14.43
CA GLU E 69 -5.70 4.19 -13.87
C GLU E 69 -7.19 4.01 -13.58
N ARG E 70 -7.92 3.34 -14.48
CA ARG E 70 -9.37 3.19 -14.35
C ARG E 70 -9.78 1.87 -13.74
N VAL E 71 -8.86 1.14 -13.10
CA VAL E 71 -9.14 -0.18 -12.54
C VAL E 71 -9.19 -0.06 -11.03
N GLY E 72 -10.31 -0.49 -10.45
CA GLY E 72 -10.45 -0.44 -8.99
C GLY E 72 -10.33 0.97 -8.47
N ASP E 73 -9.57 1.11 -7.40
CA ASP E 73 -9.29 2.41 -6.80
C ASP E 73 -8.13 3.13 -7.45
N GLY E 74 -7.51 2.53 -8.46
CA GLY E 74 -6.71 3.26 -9.41
C GLY E 74 -5.22 3.30 -9.11
N LEU E 75 -4.59 4.32 -9.67
CA LEU E 75 -3.14 4.48 -9.69
C LEU E 75 -2.70 5.47 -8.62
N VAL E 76 -1.61 5.15 -7.94
CA VAL E 76 -1.04 5.99 -6.90
C VAL E 76 0.25 6.65 -7.37
N ALA E 77 1.15 5.86 -7.96
CA ALA E 77 2.46 6.37 -8.36
C ALA E 77 2.97 5.59 -9.55
N ALA E 78 3.67 6.29 -10.45
CA ALA E 78 4.42 5.68 -11.54
C ALA E 78 5.77 6.36 -11.62
N HIS E 79 6.84 5.56 -11.57
CA HIS E 79 8.18 6.12 -11.37
C HIS E 79 9.21 5.28 -12.09
N ILE E 80 10.24 5.93 -12.61
CA ILE E 80 11.35 5.28 -13.28
C ILE E 80 12.65 5.76 -12.67
N ILE E 81 13.53 4.82 -12.34
CA ILE E 81 14.92 5.11 -11.97
C ILE E 81 15.80 4.40 -12.98
N ALA E 82 16.56 5.18 -13.75
CA ALA E 82 17.34 4.60 -14.84
C ALA E 82 18.52 3.76 -14.34
N ARG E 83 19.11 4.15 -13.21
CA ARG E 83 20.19 3.37 -12.62
C ARG E 83 20.08 3.51 -11.10
N VAL E 84 19.63 2.44 -10.44
CA VAL E 84 19.48 2.48 -9.00
C VAL E 84 20.85 2.33 -8.34
N HIS E 85 21.02 2.99 -7.20
CA HIS E 85 22.25 2.85 -6.44
C HIS E 85 22.40 1.42 -5.93
N SER E 86 23.65 1.00 -5.77
CA SER E 86 23.91 -0.36 -5.30
C SER E 86 23.31 -0.61 -3.93
N GLU E 87 23.24 0.41 -3.08
CA GLU E 87 22.59 0.25 -1.78
C GLU E 87 21.11 -0.05 -1.92
N VAL E 88 20.43 0.64 -2.85
CA VAL E 88 19.00 0.42 -3.05
C VAL E 88 18.72 -0.99 -3.56
N GLU E 89 19.69 -1.64 -4.19
CA GLU E 89 19.48 -2.99 -4.67
C GLU E 89 19.13 -3.96 -3.55
N ASN E 90 19.45 -3.64 -2.30
CA ASN E 90 19.18 -4.51 -1.17
C ASN E 90 17.76 -4.39 -0.64
N ILE E 91 16.99 -3.40 -1.07
CA ILE E 91 15.58 -3.30 -0.70
C ILE E 91 14.67 -3.59 -1.87
N LEU E 92 15.21 -4.14 -2.95
CA LEU E 92 14.40 -4.48 -4.11
C LEU E 92 14.30 -5.99 -4.27
N PRO E 93 13.11 -6.52 -4.49
CA PRO E 93 12.99 -7.97 -4.75
C PRO E 93 13.67 -8.35 -6.05
N LYS E 94 14.36 -9.49 -6.03
CA LYS E 94 15.07 -9.93 -7.23
C LYS E 94 14.16 -10.67 -8.19
N ALA E 95 13.31 -11.55 -7.66
CA ALA E 95 12.40 -12.35 -8.47
C ALA E 95 11.01 -12.29 -7.86
N PRO E 96 9.97 -12.34 -8.69
CA PRO E 96 8.61 -12.29 -8.15
C PRO E 96 8.21 -13.61 -7.52
N GLN E 97 7.43 -13.52 -6.45
CA GLN E 97 6.93 -14.70 -5.77
C GLN E 97 5.52 -14.47 -5.24
N ALA E 98 4.83 -15.56 -4.93
N GLY F 6 -6.62 -23.76 -16.65
CA GLY F 6 -7.33 -22.50 -16.64
C GLY F 6 -6.44 -21.31 -16.95
N ILE F 7 -6.49 -20.85 -18.19
CA ILE F 7 -5.57 -19.79 -18.62
C ILE F 7 -6.11 -18.41 -18.25
N ALA F 8 -7.42 -18.21 -18.38
CA ALA F 8 -7.99 -16.90 -18.09
C ALA F 8 -7.99 -16.64 -16.59
N LEU F 9 -7.84 -15.38 -16.22
CA LEU F 9 -7.78 -14.97 -14.82
C LEU F 9 -8.97 -14.06 -14.51
N GLY F 10 -9.72 -14.41 -13.47
CA GLY F 10 -10.80 -13.58 -12.97
C GLY F 10 -10.41 -13.02 -11.62
N MET F 11 -10.77 -11.76 -11.39
CA MET F 11 -10.36 -11.05 -10.19
C MET F 11 -11.49 -10.15 -9.71
N ILE F 12 -11.80 -10.24 -8.43
CA ILE F 12 -12.76 -9.36 -7.79
C ILE F 12 -12.15 -8.88 -6.48
N GLU F 13 -12.19 -7.57 -6.26
CA GLU F 13 -11.65 -6.95 -5.07
C GLU F 13 -12.78 -6.32 -4.27
N THR F 14 -12.86 -6.65 -2.99
CA THR F 14 -13.95 -6.20 -2.13
C THR F 14 -13.40 -5.36 -0.98
N ARG F 15 -14.29 -4.55 -0.41
CA ARG F 15 -14.03 -3.87 0.86
C ARG F 15 -14.58 -4.73 1.97
N GLY F 16 -13.72 -5.55 2.56
CA GLY F 16 -14.13 -6.52 3.56
C GLY F 16 -14.12 -7.94 3.03
N LEU F 17 -14.27 -8.88 3.96
CA LEU F 17 -14.17 -10.29 3.64
C LEU F 17 -15.51 -10.92 3.28
N VAL F 18 -16.61 -10.42 3.85
CA VAL F 18 -17.92 -10.99 3.54
C VAL F 18 -18.29 -10.80 2.06
N PRO F 19 -18.16 -9.61 1.47
CA PRO F 19 -18.40 -9.52 0.02
C PRO F 19 -17.45 -10.38 -0.80
N ALA F 20 -16.20 -10.57 -0.34
CA ALA F 20 -15.28 -11.44 -1.06
C ALA F 20 -15.76 -12.89 -1.05
N ILE F 21 -16.25 -13.36 0.10
CA ILE F 21 -16.74 -14.73 0.18
C ILE F 21 -17.99 -14.91 -0.67
N GLU F 22 -18.89 -13.92 -0.62
CA GLU F 22 -20.09 -13.98 -1.46
C GLU F 22 -19.73 -13.97 -2.94
N ALA F 23 -18.77 -13.14 -3.34
CA ALA F 23 -18.34 -13.09 -4.73
C ALA F 23 -17.70 -14.41 -5.15
N ALA F 24 -16.87 -14.99 -4.30
CA ALA F 24 -16.24 -16.27 -4.64
C ALA F 24 -17.28 -17.37 -4.80
N ASP F 25 -18.27 -17.40 -3.91
CA ASP F 25 -19.35 -18.37 -4.04
C ASP F 25 -20.11 -18.17 -5.34
N ALA F 26 -20.41 -16.92 -5.68
CA ALA F 26 -21.13 -16.64 -6.93
C ALA F 26 -20.32 -17.07 -8.15
N MET F 27 -19.03 -16.75 -8.17
CA MET F 27 -18.20 -17.12 -9.32
C MET F 27 -18.11 -18.62 -9.48
N THR F 28 -17.84 -19.34 -8.39
CA THR F 28 -17.67 -20.78 -8.49
C THR F 28 -18.99 -21.49 -8.80
N LYS F 29 -20.12 -20.91 -8.41
CA LYS F 29 -21.40 -21.48 -8.82
C LYS F 29 -21.73 -21.17 -10.27
N ALA F 30 -21.30 -20.00 -10.77
CA ALA F 30 -21.71 -19.55 -12.10
C ALA F 30 -21.13 -20.42 -13.20
N ALA F 31 -19.83 -20.71 -13.15
CA ALA F 31 -19.18 -21.37 -14.27
C ALA F 31 -18.02 -22.22 -13.74
N GLU F 32 -17.37 -22.92 -14.66
CA GLU F 32 -16.26 -23.82 -14.32
C GLU F 32 -14.99 -23.00 -14.15
N VAL F 33 -14.84 -22.42 -12.96
CA VAL F 33 -13.64 -21.70 -12.59
C VAL F 33 -13.10 -22.28 -11.31
N ARG F 34 -11.79 -22.23 -11.15
CA ARG F 34 -11.11 -22.73 -9.98
C ARG F 34 -10.61 -21.54 -9.17
N LEU F 35 -11.05 -21.45 -7.91
CA LEU F 35 -10.59 -20.39 -7.03
C LEU F 35 -9.15 -20.66 -6.61
N VAL F 36 -8.24 -19.77 -6.98
CA VAL F 36 -6.82 -19.98 -6.77
C VAL F 36 -6.24 -19.10 -5.68
N GLY F 37 -6.99 -18.15 -5.16
CA GLY F 37 -6.45 -17.30 -4.11
C GLY F 37 -7.44 -16.34 -3.48
N ARG F 38 -7.34 -16.21 -2.16
CA ARG F 38 -8.01 -15.15 -1.42
C ARG F 38 -6.93 -14.39 -0.68
N GLN F 39 -6.62 -13.18 -1.14
CA GLN F 39 -5.53 -12.39 -0.61
C GLN F 39 -6.07 -11.27 0.27
N PHE F 40 -5.57 -11.18 1.49
CA PHE F 40 -5.81 -10.02 2.35
C PHE F 40 -4.78 -8.96 1.98
N VAL F 41 -5.21 -7.99 1.18
CA VAL F 41 -4.30 -7.01 0.60
C VAL F 41 -3.77 -6.04 1.65
N GLY F 42 -4.56 -5.74 2.67
CA GLY F 42 -4.23 -4.73 3.63
C GLY F 42 -5.18 -3.54 3.52
N GLY F 43 -5.42 -2.89 4.66
CA GLY F 43 -6.32 -1.76 4.68
C GLY F 43 -7.77 -2.09 4.44
N GLY F 44 -8.15 -3.36 4.50
CA GLY F 44 -9.52 -3.79 4.27
C GLY F 44 -9.78 -4.39 2.91
N TYR F 45 -8.88 -4.19 1.95
CA TYR F 45 -9.07 -4.78 0.63
C TYR F 45 -8.91 -6.30 0.70
N VAL F 46 -9.81 -7.00 0.00
CA VAL F 46 -9.72 -8.45 -0.16
C VAL F 46 -9.94 -8.77 -1.63
N THR F 47 -9.05 -9.59 -2.20
CA THR F 47 -9.13 -9.97 -3.60
C THR F 47 -9.33 -11.47 -3.71
N VAL F 48 -10.32 -11.89 -4.49
CA VAL F 48 -10.55 -13.28 -4.84
C VAL F 48 -10.14 -13.48 -6.29
N LEU F 49 -9.42 -14.56 -6.55
CA LEU F 49 -8.87 -14.83 -7.87
C LEU F 49 -9.31 -16.21 -8.33
N VAL F 50 -9.81 -16.29 -9.56
CA VAL F 50 -10.26 -17.54 -10.16
C VAL F 50 -9.58 -17.72 -11.51
N ARG F 51 -9.24 -18.95 -11.84
CA ARG F 51 -8.74 -19.32 -13.15
C ARG F 51 -9.74 -20.22 -13.86
N GLY F 52 -9.65 -20.28 -15.17
CA GLY F 52 -10.53 -21.11 -15.96
C GLY F 52 -10.42 -20.74 -17.43
N GLU F 53 -11.29 -21.37 -18.22
CA GLU F 53 -11.38 -20.98 -19.61
C GLU F 53 -12.04 -19.61 -19.74
N THR F 54 -11.86 -18.99 -20.90
CA THR F 54 -12.17 -17.57 -21.06
C THR F 54 -13.65 -17.30 -20.81
N GLY F 55 -14.54 -18.06 -21.45
CA GLY F 55 -15.96 -17.82 -21.26
C GLY F 55 -16.42 -18.10 -19.85
N ALA F 56 -15.88 -19.15 -19.23
CA ALA F 56 -16.21 -19.46 -17.84
C ALA F 56 -15.78 -18.34 -16.91
N VAL F 57 -14.57 -17.82 -17.10
CA VAL F 57 -14.10 -16.73 -16.25
C VAL F 57 -14.95 -15.49 -16.48
N ASN F 58 -15.34 -15.23 -17.72
CA ASN F 58 -16.20 -14.09 -18.02
C ASN F 58 -17.51 -14.18 -17.26
N ALA F 59 -18.19 -15.31 -17.37
CA ALA F 59 -19.46 -15.51 -16.68
C ALA F 59 -19.28 -15.45 -15.16
N ALA F 60 -18.22 -16.06 -14.65
CA ALA F 60 -17.98 -16.08 -13.21
C ALA F 60 -17.77 -14.67 -12.68
N VAL F 61 -16.99 -13.86 -13.38
CA VAL F 61 -16.71 -12.51 -12.93
C VAL F 61 -17.98 -11.67 -12.93
N ARG F 62 -18.78 -11.77 -13.99
CA ARG F 62 -20.04 -11.03 -13.99
C ARG F 62 -20.94 -11.44 -12.84
N ALA F 63 -21.08 -12.75 -12.61
CA ALA F 63 -21.93 -13.22 -11.52
C ALA F 63 -21.42 -12.75 -10.17
N GLY F 64 -20.10 -12.83 -9.94
CA GLY F 64 -19.55 -12.42 -8.68
C GLY F 64 -19.70 -10.94 -8.41
N ALA F 65 -19.48 -10.12 -9.44
CA ALA F 65 -19.67 -8.68 -9.28
C ALA F 65 -21.12 -8.36 -8.93
N ASP F 66 -22.07 -8.98 -9.65
CA ASP F 66 -23.48 -8.73 -9.36
C ASP F 66 -23.84 -9.19 -7.94
N ALA F 67 -23.28 -10.31 -7.49
CA ALA F 67 -23.63 -10.81 -6.18
C ALA F 67 -23.04 -9.97 -5.05
N CYS F 68 -21.79 -9.54 -5.18
CA CYS F 68 -21.14 -8.80 -4.12
C CYS F 68 -21.36 -7.29 -4.20
N GLU F 69 -22.13 -6.82 -5.19
CA GLU F 69 -22.46 -5.40 -5.25
C GLU F 69 -23.03 -4.87 -3.93
N ARG F 70 -24.03 -5.56 -3.37
CA ARG F 70 -24.81 -5.03 -2.26
C ARG F 70 -24.43 -5.63 -0.90
N VAL F 71 -23.37 -6.42 -0.82
CA VAL F 71 -23.00 -7.11 0.42
C VAL F 71 -21.90 -6.33 1.11
N GLY F 72 -22.12 -6.01 2.39
CA GLY F 72 -21.11 -5.31 3.17
C GLY F 72 -20.79 -3.95 2.60
N ASP F 73 -19.50 -3.63 2.56
CA ASP F 73 -19.07 -2.36 1.99
C ASP F 73 -19.02 -2.37 0.47
N GLY F 74 -19.08 -3.55 -0.15
CA GLY F 74 -19.43 -3.65 -1.55
C GLY F 74 -18.27 -3.90 -2.49
N LEU F 75 -18.54 -3.60 -3.76
CA LEU F 75 -17.62 -3.87 -4.86
C LEU F 75 -16.57 -2.78 -4.99
N VAL F 76 -15.34 -3.18 -5.26
CA VAL F 76 -14.27 -2.27 -5.63
C VAL F 76 -13.89 -2.44 -7.10
N ALA F 77 -13.57 -3.68 -7.50
CA ALA F 77 -13.14 -3.94 -8.86
C ALA F 77 -13.54 -5.36 -9.26
N ALA F 78 -13.93 -5.50 -10.53
CA ALA F 78 -14.14 -6.81 -11.14
C ALA F 78 -13.41 -6.80 -12.47
N HIS F 79 -12.38 -7.66 -12.59
CA HIS F 79 -11.45 -7.58 -13.70
C HIS F 79 -11.25 -8.95 -14.33
N ILE F 80 -11.09 -8.96 -15.65
CA ILE F 80 -10.84 -10.19 -16.42
C ILE F 80 -9.59 -9.97 -17.26
N ILE F 81 -8.65 -10.90 -17.17
CA ILE F 81 -7.50 -10.95 -18.08
C ILE F 81 -7.54 -12.31 -18.76
N ALA F 82 -7.78 -12.30 -20.08
CA ALA F 82 -7.98 -13.56 -20.79
C ALA F 82 -6.71 -14.39 -20.83
N ARG F 83 -5.56 -13.75 -20.94
CA ARG F 83 -4.28 -14.47 -20.84
C ARG F 83 -3.25 -13.51 -20.28
N VAL F 84 -2.87 -13.72 -19.02
CA VAL F 84 -1.83 -12.89 -18.42
C VAL F 84 -0.49 -13.20 -19.08
N HIS F 85 0.42 -12.23 -18.99
CA HIS F 85 1.78 -12.45 -19.47
C HIS F 85 2.44 -13.53 -18.62
N SER F 86 3.36 -14.28 -19.25
CA SER F 86 4.04 -15.36 -18.54
C SER F 86 4.77 -14.85 -17.31
N GLU F 87 5.21 -13.59 -17.30
CA GLU F 87 5.83 -13.01 -16.12
C GLU F 87 4.83 -12.88 -14.98
N VAL F 88 3.59 -12.52 -15.29
CA VAL F 88 2.58 -12.25 -14.27
C VAL F 88 2.26 -13.52 -13.48
N GLU F 89 2.44 -14.70 -14.08
CA GLU F 89 2.12 -15.95 -13.40
C GLU F 89 2.94 -16.15 -12.13
N ASN F 90 4.09 -15.47 -12.00
CA ASN F 90 4.93 -15.62 -10.82
C ASN F 90 4.45 -14.81 -9.62
N ILE F 91 3.45 -13.95 -9.79
CA ILE F 91 2.84 -13.26 -8.66
C ILE F 91 1.40 -13.70 -8.42
N LEU F 92 0.94 -14.71 -9.14
CA LEU F 92 -0.42 -15.21 -8.98
C LEU F 92 -0.42 -16.48 -8.16
N PRO F 93 -1.32 -16.60 -7.18
CA PRO F 93 -1.36 -17.84 -6.38
C PRO F 93 -1.90 -19.01 -7.17
N LYS F 94 -1.36 -20.20 -6.88
CA LYS F 94 -1.85 -21.41 -7.53
C LYS F 94 -3.07 -21.98 -6.81
N ALA F 95 -3.05 -22.00 -5.49
CA ALA F 95 -4.11 -22.56 -4.68
C ALA F 95 -4.37 -21.68 -3.47
N PRO F 96 -5.61 -21.65 -2.97
CA PRO F 96 -5.89 -20.84 -1.79
C PRO F 96 -5.21 -21.38 -0.54
N GLN F 97 -4.93 -20.48 0.38
CA GLN F 97 -4.33 -20.88 1.65
C GLN F 97 -5.30 -20.63 2.81
N ALA F 98 -5.06 -21.29 3.93
N MET G 1 31.41 31.16 23.49
CA MET G 1 30.92 29.81 23.77
C MET G 1 32.04 28.89 24.23
N LYS G 2 31.66 27.77 24.84
CA LYS G 2 32.61 26.82 25.40
C LYS G 2 32.46 25.47 24.75
N ILE G 3 33.50 24.65 24.88
CA ILE G 3 33.50 23.27 24.42
C ILE G 3 33.46 22.38 25.65
N MET G 4 32.40 21.60 25.78
CA MET G 4 32.20 20.76 26.95
C MET G 4 31.78 19.36 26.51
N GLN G 5 32.06 18.39 27.36
CA GLN G 5 31.70 17.01 27.11
C GLN G 5 30.51 16.62 27.98
N VAL G 6 29.51 16.00 27.36
CA VAL G 6 28.33 15.57 28.10
C VAL G 6 28.68 14.38 28.98
N GLU G 7 28.33 14.49 30.26
CA GLU G 7 28.61 13.41 31.22
C GLU G 7 27.41 12.52 31.45
N LYS G 8 26.28 13.09 31.88
CA LYS G 8 25.10 12.32 32.22
C LYS G 8 23.88 13.24 32.19
N THR G 9 22.71 12.66 32.41
CA THR G 9 21.49 13.44 32.44
C THR G 9 21.24 14.00 33.84
N LEU G 10 20.41 15.03 33.90
CA LEU G 10 20.03 15.68 35.15
C LEU G 10 18.52 15.77 35.21
N VAL G 11 17.94 15.36 36.34
CA VAL G 11 16.49 15.33 36.51
C VAL G 11 16.12 16.13 37.75
N SER G 12 15.18 17.06 37.60
CA SER G 12 14.68 17.86 38.72
C SER G 12 13.16 17.90 38.59
N THR G 13 12.47 17.03 39.34
CA THR G 13 11.01 16.92 39.23
C THR G 13 10.33 18.21 39.67
N ASN G 14 10.82 18.83 40.75
CA ASN G 14 10.18 20.01 41.32
C ASN G 14 10.68 21.32 40.71
N ARG G 15 11.31 21.28 39.54
CA ARG G 15 11.82 22.48 38.91
C ARG G 15 10.66 23.41 38.52
N ILE G 16 11.00 24.67 38.26
CA ILE G 16 9.97 25.68 37.98
C ILE G 16 9.28 25.36 36.67
N ALA G 17 8.01 25.77 36.58
CA ALA G 17 7.21 25.50 35.39
C ALA G 17 7.73 26.20 34.15
N ASP G 18 8.49 27.28 34.31
CA ASP G 18 9.02 28.01 33.16
C ASP G 18 10.07 27.23 32.38
N MET G 19 10.61 26.15 32.96
CA MET G 19 11.59 25.34 32.25
C MET G 19 10.97 24.50 31.15
N GLY G 20 9.65 24.35 31.15
CA GLY G 20 9.01 23.54 30.13
C GLY G 20 9.38 22.07 30.26
N HIS G 21 9.50 21.41 29.11
CA HIS G 21 9.83 19.99 29.06
C HIS G 21 11.27 19.76 28.61
N LYS G 22 12.10 20.79 28.58
CA LYS G 22 13.45 20.65 28.07
C LYS G 22 14.29 19.76 29.00
N PRO G 23 15.06 18.83 28.45
CA PRO G 23 15.94 18.02 29.28
C PRO G 23 17.22 18.77 29.66
N LEU G 24 17.83 18.30 30.73
CA LEU G 24 19.04 18.90 31.27
C LEU G 24 20.17 17.87 31.29
N LEU G 25 21.36 18.30 30.91
CA LEU G 25 22.53 17.44 30.87
C LEU G 25 23.63 18.03 31.73
N VAL G 26 24.42 17.15 32.35
CA VAL G 26 25.57 17.56 33.13
C VAL G 26 26.77 17.62 32.20
N VAL G 27 27.41 18.79 32.14
CA VAL G 27 28.52 19.02 31.24
C VAL G 27 29.73 19.50 32.04
N TRP G 28 30.91 19.11 31.58
CA TRP G 28 32.16 19.62 32.12
C TRP G 28 33.17 19.74 30.98
N GLU G 29 34.12 20.66 31.13
CA GLU G 29 35.09 20.88 30.08
C GLU G 29 36.02 19.69 29.90
N LYS G 30 36.28 18.96 30.97
CA LYS G 30 37.03 17.71 30.92
C LYS G 30 36.68 16.90 32.16
N PRO G 31 36.93 15.59 32.14
CA PRO G 31 36.70 14.79 33.35
C PRO G 31 37.50 15.33 34.53
N GLY G 32 36.83 15.50 35.66
CA GLY G 32 37.41 16.11 36.83
C GLY G 32 37.21 17.61 36.95
N ALA G 33 36.80 18.27 35.86
CA ALA G 33 36.52 19.69 35.91
C ALA G 33 35.21 19.95 36.65
N PRO G 34 34.98 21.18 37.13
CA PRO G 34 33.72 21.48 37.79
C PRO G 34 32.53 21.22 36.88
N ARG G 35 31.48 20.65 37.45
CA ARG G 35 30.31 20.27 36.67
C ARG G 35 29.37 21.45 36.49
N GLN G 36 28.73 21.51 35.32
CA GLN G 36 27.70 22.48 35.02
C GLN G 36 26.53 21.76 34.38
N VAL G 37 25.36 22.40 34.41
CA VAL G 37 24.15 21.83 33.85
C VAL G 37 23.68 22.73 32.73
N ALA G 38 23.48 22.14 31.55
CA ALA G 38 23.05 22.88 30.38
C ALA G 38 21.69 22.38 29.92
N VAL G 39 20.93 23.27 29.31
CA VAL G 39 19.69 22.90 28.63
C VAL G 39 20.05 22.29 27.29
N ASP G 40 19.61 21.06 27.05
CA ASP G 40 19.96 20.34 25.83
C ASP G 40 18.92 20.67 24.77
N ALA G 41 19.27 21.61 23.90
CA ALA G 41 18.42 21.95 22.76
C ALA G 41 18.70 21.10 21.53
N ILE G 42 19.72 20.23 21.59
CA ILE G 42 20.13 19.45 20.44
C ILE G 42 19.72 17.98 20.54
N GLY G 43 19.73 17.41 21.74
CA GLY G 43 19.57 15.97 21.87
C GLY G 43 20.88 15.20 21.73
N CYS G 44 21.78 15.37 22.70
CA CYS G 44 23.09 14.74 22.69
C CYS G 44 23.12 13.51 23.60
N ILE G 45 24.14 12.70 23.42
CA ILE G 45 24.37 11.48 24.21
C ILE G 45 25.57 11.71 25.11
N PRO G 46 25.73 10.95 26.19
CA PRO G 46 26.95 11.09 27.01
C PRO G 46 28.20 10.80 26.20
N GLY G 47 29.26 11.56 26.47
CA GLY G 47 30.49 11.47 25.72
C GLY G 47 30.60 12.42 24.56
N ASP G 48 29.49 13.03 24.13
CA ASP G 48 29.53 14.01 23.05
C ASP G 48 30.26 15.27 23.48
N TRP G 49 31.01 15.86 22.55
CA TRP G 49 31.59 17.17 22.74
C TRP G 49 30.67 18.19 22.08
N VAL G 50 30.18 19.14 22.87
CA VAL G 50 29.11 20.03 22.43
C VAL G 50 29.56 21.48 22.56
N LEU G 51 28.76 22.37 21.98
CA LEU G 51 28.96 23.80 22.06
C LEU G 51 27.92 24.38 23.01
N CYS G 52 28.39 25.07 24.05
CA CYS G 52 27.50 25.63 25.07
C CYS G 52 27.64 27.14 25.07
N VAL G 53 26.55 27.83 24.78
CA VAL G 53 26.47 29.28 24.88
C VAL G 53 25.87 29.63 26.22
N GLY G 54 26.37 30.70 26.84
CA GLY G 54 25.86 31.20 28.08
C GLY G 54 25.23 32.56 27.95
N SER G 55 25.08 33.23 29.08
CA SER G 55 24.59 34.61 29.15
C SER G 55 23.15 34.67 28.62
N SER G 56 22.76 35.80 28.03
CA SER G 56 21.40 36.00 27.56
C SER G 56 21.09 35.22 26.29
N ALA G 57 22.11 34.84 25.52
CA ALA G 57 21.87 34.08 24.30
C ALA G 57 21.34 32.68 24.60
N ALA G 58 21.71 32.12 25.74
CA ALA G 58 21.24 30.78 26.12
C ALA G 58 19.73 30.74 26.27
N ARG G 59 19.11 31.84 26.69
CA ARG G 59 17.66 31.87 26.86
C ARG G 59 16.94 31.67 25.54
N GLU G 60 17.28 32.48 24.53
CA GLU G 60 16.71 32.30 23.20
C GLU G 60 17.12 30.96 22.59
N ALA G 61 18.35 30.51 22.86
CA ALA G 61 18.77 29.21 22.36
C ALA G 61 17.90 28.09 22.91
N ALA G 62 17.40 28.25 24.13
CA ALA G 62 16.51 27.26 24.72
C ALA G 62 15.05 27.44 24.32
N GLY G 63 14.72 28.50 23.58
CA GLY G 63 13.37 28.60 23.04
C GLY G 63 12.68 29.95 23.09
N SER G 64 12.93 30.75 24.13
CA SER G 64 12.22 32.02 24.25
C SER G 64 13.09 33.04 24.97
N LYS G 65 12.73 34.31 24.78
CA LYS G 65 13.45 35.41 25.42
C LYS G 65 13.42 35.31 26.94
N SER G 66 12.44 34.61 27.50
CA SER G 66 12.25 34.53 28.95
C SER G 66 12.49 33.14 29.50
N TYR G 67 13.22 32.29 28.78
CA TYR G 67 13.50 30.94 29.29
C TYR G 67 14.54 31.01 30.39
N PRO G 68 14.32 30.34 31.52
CA PRO G 68 15.28 30.37 32.65
C PRO G 68 16.51 29.49 32.42
N SER G 69 17.38 29.93 31.52
CA SER G 69 18.62 29.21 31.25
C SER G 69 19.76 30.18 31.04
N ASP G 70 20.91 29.86 31.62
CA ASP G 70 22.15 30.58 31.36
C ASP G 70 23.20 29.69 30.73
N LEU G 71 22.83 28.47 30.32
CA LEU G 71 23.76 27.56 29.66
C LEU G 71 22.94 26.61 28.80
N THR G 72 23.08 26.72 27.49
CA THR G 72 22.33 25.89 26.55
C THR G 72 23.27 25.28 25.53
N ILE G 73 23.07 24.00 25.25
CA ILE G 73 23.81 23.31 24.19
C ILE G 73 23.15 23.64 22.86
N ILE G 74 23.94 24.19 21.93
CA ILE G 74 23.43 24.64 20.65
C ILE G 74 24.01 23.86 19.48
N GLY G 75 24.94 22.95 19.72
CA GLY G 75 25.48 22.15 18.65
C GLY G 75 26.35 21.04 19.18
N ILE G 76 26.53 20.02 18.34
CA ILE G 76 27.45 18.92 18.61
C ILE G 76 28.64 19.06 17.67
N ILE G 77 29.84 19.07 18.23
CA ILE G 77 31.04 19.21 17.43
C ILE G 77 31.24 17.95 16.60
N ASP G 78 31.44 18.13 15.29
CA ASP G 78 31.55 16.99 14.38
C ASP G 78 32.73 16.11 14.74
N GLN G 79 33.88 16.72 15.04
CA GLN G 79 35.08 15.97 15.39
C GLN G 79 35.86 16.77 16.43
N TRP G 80 36.02 16.19 17.62
CA TRP G 80 36.76 16.84 18.69
C TRP G 80 37.43 15.78 19.54
N ASN G 81 38.65 16.08 20.00
CA ASN G 81 39.38 15.16 20.86
C ASN G 81 39.23 15.56 22.32
N GLY H 6 -7.43 -24.87 -29.97
CA GLY H 6 -8.79 -24.61 -30.40
C GLY H 6 -8.98 -24.69 -31.89
N ILE H 7 -10.23 -24.59 -32.34
CA ILE H 7 -10.57 -24.67 -33.76
C ILE H 7 -11.36 -23.46 -34.23
N ALA H 8 -11.72 -22.54 -33.35
CA ALA H 8 -12.42 -21.34 -33.77
C ALA H 8 -11.49 -20.43 -34.57
N LEU H 9 -12.07 -19.62 -35.44
CA LEU H 9 -11.31 -18.75 -36.32
C LEU H 9 -11.75 -17.31 -36.10
N GLY H 10 -10.80 -16.44 -35.74
CA GLY H 10 -11.03 -15.01 -35.66
C GLY H 10 -10.27 -14.31 -36.76
N MET H 11 -10.97 -13.41 -37.46
CA MET H 11 -10.39 -12.67 -38.57
C MET H 11 -10.59 -11.18 -38.36
N ILE H 12 -9.55 -10.42 -38.68
CA ILE H 12 -9.59 -8.97 -38.71
C ILE H 12 -9.15 -8.50 -40.09
N GLU H 13 -9.96 -7.69 -40.73
CA GLU H 13 -9.63 -7.10 -42.02
C GLU H 13 -9.46 -5.60 -41.85
N THR H 14 -8.35 -5.08 -42.39
CA THR H 14 -7.98 -3.68 -42.20
C THR H 14 -7.64 -3.05 -43.55
N ARG H 15 -7.68 -1.72 -43.57
CA ARG H 15 -7.22 -0.93 -44.70
C ARG H 15 -5.78 -0.52 -44.43
N GLY H 16 -4.84 -1.26 -44.98
CA GLY H 16 -3.43 -1.03 -44.77
C GLY H 16 -2.79 -2.10 -43.90
N LEU H 17 -1.46 -2.10 -43.92
CA LEU H 17 -0.69 -3.12 -43.21
C LEU H 17 -0.45 -2.78 -41.74
N VAL H 18 -0.26 -1.48 -41.43
CA VAL H 18 0.02 -1.10 -40.04
C VAL H 18 -1.13 -1.44 -39.09
N PRO H 19 -2.39 -1.09 -39.39
CA PRO H 19 -3.48 -1.54 -38.51
C PRO H 19 -3.59 -3.05 -38.44
N ALA H 20 -3.27 -3.77 -39.52
CA ALA H 20 -3.30 -5.23 -39.46
C ALA H 20 -2.26 -5.77 -38.49
N ILE H 21 -1.04 -5.22 -38.52
CA ILE H 21 -0.01 -5.67 -37.60
C ILE H 21 -0.38 -5.33 -36.16
N GLU H 22 -0.93 -4.13 -35.94
CA GLU H 22 -1.39 -3.77 -34.61
C GLU H 22 -2.50 -4.69 -34.13
N ALA H 23 -3.44 -5.04 -35.02
CA ALA H 23 -4.52 -5.94 -34.66
C ALA H 23 -3.98 -7.33 -34.31
N ALA H 24 -3.02 -7.83 -35.09
CA ALA H 24 -2.43 -9.14 -34.78
C ALA H 24 -1.75 -9.12 -33.41
N ASP H 25 -0.99 -8.07 -33.13
CA ASP H 25 -0.33 -7.96 -31.83
C ASP H 25 -1.35 -7.89 -30.70
N ALA H 26 -2.40 -7.09 -30.87
CA ALA H 26 -3.42 -6.98 -29.83
C ALA H 26 -4.13 -8.30 -29.59
N MET H 27 -4.49 -9.01 -30.66
CA MET H 27 -5.16 -10.29 -30.52
C MET H 27 -4.28 -11.30 -29.82
N THR H 28 -3.01 -11.40 -30.22
CA THR H 28 -2.13 -12.37 -29.58
C THR H 28 -1.89 -12.04 -28.11
N LYS H 29 -1.76 -10.74 -27.78
CA LYS H 29 -1.53 -10.36 -26.40
C LYS H 29 -2.78 -10.47 -25.53
N ALA H 30 -3.96 -10.34 -26.13
CA ALA H 30 -5.19 -10.28 -25.34
C ALA H 30 -5.62 -11.63 -24.81
N ALA H 31 -5.45 -12.69 -25.60
CA ALA H 31 -6.05 -13.98 -25.26
C ALA H 31 -5.18 -15.11 -25.77
N GLU H 32 -5.56 -16.34 -25.39
CA GLU H 32 -4.82 -17.54 -25.78
C GLU H 32 -5.28 -17.94 -27.18
N VAL H 33 -4.69 -17.26 -28.17
CA VAL H 33 -4.92 -17.56 -29.58
C VAL H 33 -3.57 -17.58 -30.26
N ARG H 34 -3.52 -18.22 -31.43
CA ARG H 34 -2.30 -18.32 -32.22
C ARG H 34 -2.51 -17.63 -33.56
N LEU H 35 -1.55 -16.80 -33.96
CA LEU H 35 -1.59 -16.17 -35.26
C LEU H 35 -1.22 -17.18 -36.33
N VAL H 36 -2.07 -17.30 -37.35
CA VAL H 36 -1.87 -18.32 -38.38
C VAL H 36 -1.56 -17.73 -39.75
N GLY H 37 -1.88 -16.47 -40.00
CA GLY H 37 -1.60 -15.92 -41.32
C GLY H 37 -1.89 -14.44 -41.38
N ARG H 38 -1.20 -13.80 -42.32
CA ARG H 38 -1.48 -12.43 -42.73
C ARG H 38 -1.53 -12.42 -44.25
N GLN H 39 -2.66 -11.99 -44.81
CA GLN H 39 -2.90 -12.10 -46.24
C GLN H 39 -3.15 -10.72 -46.82
N PHE H 40 -2.38 -10.36 -47.84
CA PHE H 40 -2.64 -9.16 -48.61
C PHE H 40 -3.72 -9.47 -49.64
N VAL H 41 -4.86 -8.79 -49.52
CA VAL H 41 -6.01 -9.13 -50.35
C VAL H 41 -5.94 -8.44 -51.70
N GLY H 42 -5.45 -7.20 -51.72
CA GLY H 42 -5.47 -6.39 -52.92
C GLY H 42 -6.30 -5.14 -52.70
N GLY H 43 -5.88 -4.03 -53.31
CA GLY H 43 -6.59 -2.79 -53.11
C GLY H 43 -6.39 -2.14 -51.76
N GLY H 44 -5.46 -2.63 -50.96
CA GLY H 44 -5.18 -2.11 -49.65
C GLY H 44 -5.71 -2.95 -48.51
N TYR H 45 -6.63 -3.87 -48.77
CA TYR H 45 -7.14 -4.75 -47.73
C TYR H 45 -6.04 -5.68 -47.21
N VAL H 46 -5.97 -5.82 -45.89
CA VAL H 46 -5.07 -6.77 -45.25
C VAL H 46 -5.87 -7.53 -44.19
N THR H 47 -5.73 -8.85 -44.19
CA THR H 47 -6.48 -9.72 -43.29
C THR H 47 -5.50 -10.49 -42.41
N VAL H 48 -5.74 -10.47 -41.11
CA VAL H 48 -5.01 -11.29 -40.14
C VAL H 48 -5.97 -12.30 -39.55
N LEU H 49 -5.51 -13.53 -39.39
CA LEU H 49 -6.33 -14.63 -38.93
C LEU H 49 -5.67 -15.29 -37.71
N VAL H 50 -6.49 -15.61 -36.71
CA VAL H 50 -6.02 -16.31 -35.53
C VAL H 50 -6.91 -17.53 -35.28
N ARG H 51 -6.36 -18.50 -34.57
CA ARG H 51 -7.05 -19.73 -34.21
C ARG H 51 -6.95 -19.96 -32.71
N GLY H 52 -8.01 -20.50 -32.14
CA GLY H 52 -8.00 -20.82 -30.72
C GLY H 52 -9.38 -21.22 -30.25
N GLU H 53 -9.49 -21.33 -28.93
CA GLU H 53 -10.76 -21.65 -28.30
C GLU H 53 -11.76 -20.52 -28.51
N THR H 54 -13.05 -20.88 -28.53
CA THR H 54 -14.09 -19.93 -28.93
C THR H 54 -14.09 -18.68 -28.05
N GLY H 55 -14.06 -18.86 -26.72
CA GLY H 55 -14.01 -17.70 -25.85
C GLY H 55 -12.75 -16.89 -26.01
N ALA H 56 -11.61 -17.58 -26.13
CA ALA H 56 -10.35 -16.90 -26.40
C ALA H 56 -10.40 -16.12 -27.71
N VAL H 57 -11.01 -16.72 -28.74
CA VAL H 57 -11.13 -16.04 -30.02
C VAL H 57 -12.02 -14.80 -29.90
N ASN H 58 -13.14 -14.90 -29.17
CA ASN H 58 -13.99 -13.74 -28.98
C ASN H 58 -13.23 -12.61 -28.30
N ALA H 59 -12.52 -12.93 -27.21
CA ALA H 59 -11.76 -11.89 -26.51
C ALA H 59 -10.68 -11.28 -27.40
N ALA H 60 -9.94 -12.13 -28.13
CA ALA H 60 -8.87 -11.65 -28.97
C ALA H 60 -9.38 -10.76 -30.10
N VAL H 61 -10.48 -11.17 -30.75
CA VAL H 61 -11.03 -10.38 -31.84
C VAL H 61 -11.55 -9.06 -31.33
N ARG H 62 -12.24 -9.06 -30.19
CA ARG H 62 -12.72 -7.80 -29.62
C ARG H 62 -11.56 -6.85 -29.35
N ALA H 63 -10.50 -7.35 -28.71
CA ALA H 63 -9.37 -6.49 -28.38
C ALA H 63 -8.67 -5.98 -29.62
N GLY H 64 -8.46 -6.84 -30.62
CA GLY H 64 -7.81 -6.41 -31.83
C GLY H 64 -8.62 -5.39 -32.60
N ALA H 65 -9.93 -5.59 -32.68
CA ALA H 65 -10.80 -4.65 -33.37
C ALA H 65 -10.79 -3.30 -32.68
N ASP H 66 -10.78 -3.28 -31.35
CA ASP H 66 -10.71 -2.00 -30.64
C ASP H 66 -9.34 -1.35 -30.82
N ALA H 67 -8.28 -2.15 -30.88
CA ALA H 67 -6.94 -1.58 -30.99
C ALA H 67 -6.68 -0.98 -32.37
N CYS H 68 -7.12 -1.65 -33.43
CA CYS H 68 -6.81 -1.22 -34.78
C CYS H 68 -7.83 -0.25 -35.36
N GLU H 69 -8.87 0.11 -34.59
CA GLU H 69 -9.94 0.93 -35.13
C GLU H 69 -9.43 2.33 -35.53
N ARG H 70 -8.52 2.89 -34.74
CA ARG H 70 -8.06 4.26 -34.95
C ARG H 70 -6.62 4.32 -35.47
N VAL H 71 -6.10 3.21 -35.98
CA VAL H 71 -4.74 3.17 -36.52
C VAL H 71 -4.84 3.23 -38.03
N GLY H 72 -4.18 4.23 -38.62
CA GLY H 72 -4.19 4.36 -40.07
C GLY H 72 -5.59 4.55 -40.61
N ASP H 73 -5.94 3.79 -41.64
CA ASP H 73 -7.24 3.87 -42.25
C ASP H 73 -8.28 2.99 -41.57
N GLY H 74 -7.90 2.24 -40.56
CA GLY H 74 -8.86 1.64 -39.66
C GLY H 74 -9.19 0.19 -39.97
N LEU H 75 -10.39 -0.18 -39.54
CA LEU H 75 -10.86 -1.56 -39.54
C LEU H 75 -11.99 -1.73 -40.54
N VAL H 76 -11.93 -2.83 -41.30
CA VAL H 76 -12.97 -3.17 -42.27
C VAL H 76 -13.93 -4.18 -41.71
N ALA H 77 -13.42 -5.27 -41.14
CA ALA H 77 -14.25 -6.36 -40.69
C ALA H 77 -13.58 -7.07 -39.52
N ALA H 78 -14.40 -7.46 -38.54
CA ALA H 78 -13.96 -8.29 -37.43
C ALA H 78 -14.98 -9.42 -37.29
N HIS H 79 -14.57 -10.64 -37.64
CA HIS H 79 -15.49 -11.76 -37.72
C HIS H 79 -14.95 -12.94 -36.93
N ILE H 80 -15.88 -13.72 -36.38
CA ILE H 80 -15.56 -14.92 -35.63
C ILE H 80 -16.34 -16.09 -36.22
N ILE H 81 -15.65 -17.17 -36.54
CA ILE H 81 -16.26 -18.43 -36.95
C ILE H 81 -15.90 -19.45 -35.88
N ALA H 82 -16.91 -19.89 -35.12
CA ALA H 82 -16.64 -20.78 -33.99
C ALA H 82 -16.21 -22.16 -34.44
N ARG H 83 -16.73 -22.64 -35.57
CA ARG H 83 -16.34 -23.94 -36.11
C ARG H 83 -16.18 -23.81 -37.61
N VAL H 84 -15.01 -24.16 -38.12
CA VAL H 84 -14.68 -24.02 -39.53
C VAL H 84 -14.85 -25.36 -40.21
N HIS H 85 -15.57 -25.37 -41.32
CA HIS H 85 -15.69 -26.57 -42.13
C HIS H 85 -14.34 -26.97 -42.69
N SER H 86 -14.10 -28.28 -42.82
CA SER H 86 -12.82 -28.76 -43.30
C SER H 86 -12.52 -28.31 -44.73
N GLU H 87 -13.57 -28.05 -45.52
CA GLU H 87 -13.36 -27.55 -46.88
C GLU H 87 -12.71 -26.18 -46.86
N VAL H 88 -13.04 -25.35 -45.87
CA VAL H 88 -12.47 -24.01 -45.77
C VAL H 88 -11.03 -24.03 -45.28
N GLU H 89 -10.61 -25.10 -44.60
CA GLU H 89 -9.21 -25.20 -44.17
C GLU H 89 -8.25 -25.20 -45.35
N ASN H 90 -8.72 -25.58 -46.54
CA ASN H 90 -7.86 -25.58 -47.72
C ASN H 90 -7.44 -24.17 -48.11
N ILE H 91 -8.27 -23.17 -47.82
CA ILE H 91 -7.96 -21.79 -48.17
C ILE H 91 -7.47 -21.00 -46.94
N LEU H 92 -7.07 -21.69 -45.88
CA LEU H 92 -6.58 -21.02 -44.69
C LEU H 92 -5.11 -21.33 -44.48
N PRO H 93 -4.26 -20.30 -44.34
CA PRO H 93 -2.86 -20.56 -43.99
C PRO H 93 -2.75 -21.23 -42.62
N LYS H 94 -1.78 -22.13 -42.50
CA LYS H 94 -1.55 -22.84 -41.24
C LYS H 94 -0.46 -22.22 -40.39
N ALA H 95 0.57 -21.65 -41.01
CA ALA H 95 1.64 -20.99 -40.29
C ALA H 95 1.85 -19.61 -40.88
N PRO H 96 1.95 -18.56 -40.06
CA PRO H 96 2.17 -17.22 -40.60
C PRO H 96 3.51 -17.10 -41.29
N GLN H 97 3.55 -16.25 -42.32
CA GLN H 97 4.75 -16.04 -43.10
C GLN H 97 4.87 -14.57 -43.50
N ALA H 98 6.06 -14.17 -43.96
N GLY I 6 17.49 -5.01 -31.66
CA GLY I 6 16.46 -3.98 -31.70
C GLY I 6 15.06 -4.51 -31.54
N ILE I 7 14.59 -4.56 -30.29
CA ILE I 7 13.32 -5.22 -30.00
C ILE I 7 12.14 -4.40 -30.51
N ALA I 8 12.20 -3.08 -30.38
CA ALA I 8 11.05 -2.24 -30.69
C ALA I 8 10.81 -2.19 -32.20
N LEU I 9 9.57 -1.87 -32.56
CA LEU I 9 9.13 -1.85 -33.95
C LEU I 9 8.51 -0.50 -34.27
N GLY I 10 8.95 0.11 -35.35
CA GLY I 10 8.37 1.36 -35.84
C GLY I 10 7.79 1.15 -37.22
N MET I 11 6.59 1.69 -37.43
CA MET I 11 5.88 1.50 -38.68
C MET I 11 5.34 2.82 -39.18
N ILE I 12 5.53 3.08 -40.47
CA ILE I 12 4.99 4.26 -41.13
C ILE I 12 4.32 3.80 -42.43
N GLU I 13 3.04 4.12 -42.57
CA GLU I 13 2.29 3.81 -43.79
C GLU I 13 2.04 5.11 -44.54
N THR I 14 2.30 5.10 -45.84
CA THR I 14 2.16 6.27 -46.69
C THR I 14 1.36 5.92 -47.93
N ARG I 15 0.83 6.93 -48.59
CA ARG I 15 0.16 6.79 -49.88
C ARG I 15 1.19 7.06 -50.97
N GLY I 16 1.67 6.01 -51.61
CA GLY I 16 2.74 6.11 -52.59
C GLY I 16 4.09 5.79 -51.98
N LEU I 17 5.08 5.69 -52.87
CA LEU I 17 6.43 5.32 -52.47
C LEU I 17 7.30 6.51 -52.08
N VAL I 18 7.07 7.68 -52.66
CA VAL I 18 7.91 8.84 -52.37
C VAL I 18 7.83 9.25 -50.90
N PRO I 19 6.65 9.45 -50.30
CA PRO I 19 6.62 9.73 -48.86
C PRO I 19 7.18 8.60 -48.02
N ALA I 20 7.04 7.35 -48.45
CA ALA I 20 7.65 6.25 -47.70
C ALA I 20 9.17 6.36 -47.70
N ILE I 21 9.76 6.69 -48.84
CA ILE I 21 11.21 6.84 -48.93
C ILE I 21 11.67 8.01 -48.07
N GLU I 22 10.94 9.13 -48.11
CA GLU I 22 11.29 10.26 -47.26
C GLU I 22 11.20 9.89 -45.79
N ALA I 23 10.15 9.16 -45.40
CA ALA I 23 10.00 8.74 -44.01
C ALA I 23 11.13 7.80 -43.60
N ALA I 24 11.51 6.87 -44.47
CA ALA I 24 12.62 5.97 -44.16
C ALA I 24 13.92 6.73 -43.98
N ASP I 25 14.18 7.71 -44.84
CA ASP I 25 15.38 8.53 -44.70
C ASP I 25 15.39 9.29 -43.39
N ALA I 26 14.26 9.93 -43.06
CA ALA I 26 14.18 10.67 -41.80
C ALA I 26 14.34 9.74 -40.60
N MET I 27 13.73 8.56 -40.64
CA MET I 27 13.81 7.62 -39.54
C MET I 27 15.25 7.16 -39.32
N THR I 28 15.93 6.73 -40.39
CA THR I 28 17.28 6.22 -40.23
C THR I 28 18.29 7.33 -39.92
N LYS I 29 18.01 8.57 -40.31
CA LYS I 29 18.88 9.67 -39.93
C LYS I 29 18.68 10.08 -38.47
N ALA I 30 17.43 10.04 -37.99
CA ALA I 30 17.13 10.58 -36.67
C ALA I 30 17.76 9.74 -35.55
N ALA I 31 17.73 8.42 -35.69
CA ALA I 31 18.12 7.56 -34.58
C ALA I 31 18.69 6.27 -35.14
N GLU I 32 19.34 5.51 -34.26
CA GLU I 32 19.93 4.22 -34.62
C GLU I 32 18.81 3.18 -34.71
N VAL I 33 18.20 3.08 -35.89
CA VAL I 33 17.21 2.07 -36.19
C VAL I 33 17.54 1.46 -37.54
N ARG I 34 17.33 0.16 -37.67
CA ARG I 34 17.59 -0.55 -38.91
C ARG I 34 16.29 -0.70 -39.69
N LEU I 35 16.34 -0.37 -40.99
CA LEU I 35 15.19 -0.54 -41.86
C LEU I 35 15.09 -2.01 -42.27
N VAL I 36 14.08 -2.72 -41.74
CA VAL I 36 13.96 -4.15 -41.95
C VAL I 36 12.92 -4.50 -43.00
N GLY I 37 12.25 -3.51 -43.59
CA GLY I 37 11.28 -3.82 -44.61
C GLY I 37 10.53 -2.63 -45.19
N ARG I 38 10.40 -2.63 -46.51
CA ARG I 38 9.50 -1.74 -47.23
C ARG I 38 8.53 -2.61 -47.99
N GLN I 39 7.23 -2.48 -47.69
CA GLN I 39 6.22 -3.40 -48.18
C GLN I 39 5.23 -2.67 -49.06
N PHE I 40 5.12 -3.10 -50.31
CA PHE I 40 4.06 -2.62 -51.20
C PHE I 40 2.79 -3.36 -50.81
N VAL I 41 1.94 -2.69 -50.03
CA VAL I 41 0.76 -3.34 -49.46
C VAL I 41 -0.25 -3.68 -50.55
N GLY I 42 -0.39 -2.83 -51.54
CA GLY I 42 -1.43 -2.94 -52.54
C GLY I 42 -2.39 -1.77 -52.47
N GLY I 43 -2.90 -1.37 -53.62
CA GLY I 43 -3.80 -0.23 -53.66
C GLY I 43 -3.13 1.10 -53.43
N GLY I 44 -1.81 1.16 -53.42
CA GLY I 44 -1.08 2.40 -53.22
C GLY I 44 -0.43 2.54 -51.86
N TYR I 45 -0.80 1.72 -50.88
CA TYR I 45 -0.18 1.81 -49.56
C TYR I 45 1.24 1.27 -49.59
N VAL I 46 2.15 1.98 -48.93
CA VAL I 46 3.52 1.53 -48.74
C VAL I 46 3.86 1.66 -47.26
N THR I 47 4.37 0.59 -46.67
CA THR I 47 4.74 0.56 -45.26
C THR I 47 6.24 0.39 -45.13
N VAL I 48 6.86 1.23 -44.30
CA VAL I 48 8.27 1.11 -43.96
C VAL I 48 8.36 0.73 -42.48
N LEU I 49 9.16 -0.29 -42.18
CA LEU I 49 9.25 -0.85 -40.84
C LEU I 49 10.69 -0.76 -40.36
N VAL I 50 10.87 -0.27 -39.14
CA VAL I 50 12.19 -0.17 -38.53
C VAL I 50 12.20 -0.89 -37.19
N ARG I 51 13.37 -1.36 -36.80
CA ARG I 51 13.59 -1.96 -35.49
C ARG I 51 14.73 -1.24 -34.79
N GLY I 52 14.75 -1.35 -33.47
CA GLY I 52 15.79 -0.73 -32.68
C GLY I 52 15.40 -0.67 -31.22
N GLU I 53 16.18 0.08 -30.46
CA GLU I 53 15.84 0.38 -29.09
C GLU I 53 14.56 1.21 -29.02
N THR I 54 13.86 1.11 -27.89
CA THR I 54 12.55 1.76 -27.75
C THR I 54 12.65 3.27 -27.93
N GLY I 55 13.61 3.91 -27.25
CA GLY I 55 13.76 5.36 -27.40
C GLY I 55 14.20 5.75 -28.79
N ALA I 56 15.12 4.99 -29.38
CA ALA I 56 15.54 5.25 -30.75
C ALA I 56 14.38 5.11 -31.71
N VAL I 57 13.54 4.08 -31.52
CA VAL I 57 12.38 3.89 -32.38
C VAL I 57 11.39 5.04 -32.22
N ASN I 58 11.19 5.50 -30.97
CA ASN I 58 10.30 6.64 -30.74
C ASN I 58 10.76 7.86 -31.51
N ALA I 59 12.03 8.22 -31.36
CA ALA I 59 12.56 9.40 -32.05
C ALA I 59 12.49 9.21 -33.56
N ALA I 60 12.84 8.02 -34.05
CA ALA I 60 12.83 7.77 -35.48
C ALA I 60 11.43 7.93 -36.06
N VAL I 61 10.43 7.30 -35.42
CA VAL I 61 9.07 7.38 -35.94
C VAL I 61 8.55 8.81 -35.89
N ARG I 62 8.87 9.54 -34.82
CA ARG I 62 8.47 10.95 -34.76
C ARG I 62 9.03 11.73 -35.93
N ALA I 63 10.35 11.58 -36.19
CA ALA I 63 10.97 12.31 -37.28
C ALA I 63 10.41 11.89 -38.64
N GLY I 64 10.18 10.59 -38.83
CA GLY I 64 9.67 10.12 -40.11
C GLY I 64 8.26 10.61 -40.39
N ALA I 65 7.40 10.58 -39.38
CA ALA I 65 6.04 11.11 -39.56
C ALA I 65 6.10 12.59 -39.91
N ASP I 66 6.91 13.36 -39.18
CA ASP I 66 7.01 14.79 -39.45
C ASP I 66 7.51 15.04 -40.87
N ALA I 67 8.50 14.28 -41.31
CA ALA I 67 9.09 14.52 -42.62
C ALA I 67 8.12 14.17 -43.74
N CYS I 68 7.49 13.00 -43.67
CA CYS I 68 6.67 12.50 -44.76
C CYS I 68 5.24 12.99 -44.72
N GLU I 69 4.85 13.78 -43.70
CA GLU I 69 3.47 14.26 -43.63
C GLU I 69 3.08 15.06 -44.88
N ARG I 70 3.94 15.94 -45.36
CA ARG I 70 3.60 16.87 -46.43
C ARG I 70 4.09 16.39 -47.80
N VAL I 71 4.54 15.15 -47.93
CA VAL I 71 5.17 14.67 -49.15
C VAL I 71 4.16 13.83 -49.93
N GLY I 72 3.98 14.17 -51.20
CA GLY I 72 3.13 13.38 -52.07
C GLY I 72 1.70 13.34 -51.57
N ASP I 73 1.13 12.14 -51.52
CA ASP I 73 -0.23 11.95 -51.04
C ASP I 73 -0.31 11.79 -49.53
N GLY I 74 0.83 11.80 -48.84
CA GLY I 74 0.84 12.04 -47.41
C GLY I 74 0.96 10.77 -46.57
N LEU I 75 0.92 10.99 -45.27
CA LEU I 75 1.05 9.95 -44.27
C LEU I 75 -0.30 9.31 -43.97
N VAL I 76 -0.28 8.01 -43.70
CA VAL I 76 -1.46 7.27 -43.26
C VAL I 76 -1.37 6.91 -41.78
N ALA I 77 -0.29 6.27 -41.37
CA ALA I 77 -0.17 5.78 -40.01
C ALA I 77 1.27 5.86 -39.54
N ALA I 78 1.45 6.24 -38.27
CA ALA I 78 2.72 6.19 -37.59
C ALA I 78 2.51 5.42 -36.29
N HIS I 79 3.02 4.21 -36.22
CA HIS I 79 2.71 3.30 -35.13
C HIS I 79 4.00 2.74 -34.54
N ILE I 80 4.03 2.61 -33.21
CA ILE I 80 5.16 2.06 -32.48
C ILE I 80 4.66 0.93 -31.59
N ILE I 81 5.37 -0.19 -31.60
CA ILE I 81 5.16 -1.29 -30.67
C ILE I 81 6.49 -1.57 -30.01
N ALA I 82 6.56 -1.35 -28.69
CA ALA I 82 7.82 -1.51 -27.98
C ALA I 82 8.30 -2.96 -28.00
N ARG I 83 7.38 -3.91 -27.85
CA ARG I 83 7.72 -5.33 -27.97
C ARG I 83 6.51 -6.06 -28.53
N VAL I 84 6.60 -6.50 -29.78
CA VAL I 84 5.53 -7.29 -30.37
C VAL I 84 5.46 -8.66 -29.69
N HIS I 85 4.30 -9.29 -29.81
CA HIS I 85 4.19 -10.68 -29.40
C HIS I 85 5.11 -11.54 -30.26
N SER I 86 5.69 -12.57 -29.63
CA SER I 86 6.67 -13.39 -30.34
C SER I 86 6.08 -14.04 -31.58
N GLU I 87 4.77 -14.29 -31.60
CA GLU I 87 4.13 -14.84 -32.78
C GLU I 87 4.04 -13.82 -33.91
N VAL I 88 3.92 -12.54 -33.57
CA VAL I 88 3.84 -11.49 -34.59
C VAL I 88 5.13 -11.40 -35.39
N GLU I 89 6.25 -11.83 -34.81
CA GLU I 89 7.52 -11.82 -35.52
C GLU I 89 7.49 -12.68 -36.78
N ASN I 90 6.56 -13.62 -36.88
CA ASN I 90 6.48 -14.47 -38.05
C ASN I 90 5.94 -13.73 -39.27
N ILE I 91 5.27 -12.60 -39.08
CA ILE I 91 4.78 -11.78 -40.19
C ILE I 91 5.54 -10.46 -40.29
N LEU I 92 6.75 -10.41 -39.76
CA LEU I 92 7.59 -9.22 -39.84
C LEU I 92 8.85 -9.52 -40.63
N PRO I 93 9.14 -8.78 -41.69
CA PRO I 93 10.37 -9.03 -42.44
C PRO I 93 11.62 -8.73 -41.62
N LYS I 94 12.66 -9.52 -41.85
CA LYS I 94 13.95 -9.29 -41.21
C LYS I 94 14.81 -8.32 -42.01
N ALA I 95 14.73 -8.39 -43.33
CA ALA I 95 15.49 -7.52 -44.22
C ALA I 95 14.57 -7.01 -45.32
N PRO I 96 14.84 -5.79 -45.82
CA PRO I 96 13.98 -5.21 -46.86
C PRO I 96 14.35 -5.76 -48.24
N GLN I 97 13.43 -6.51 -48.84
CA GLN I 97 13.63 -7.04 -50.18
C GLN I 97 12.75 -6.31 -51.19
N ALA I 98 13.22 -6.24 -52.43
N ARG J 706 -48.91 -12.56 13.91
CA ARG J 706 -47.51 -12.15 14.08
C ARG J 706 -46.75 -13.16 14.93
N ILE J 707 -45.80 -13.84 14.32
CA ILE J 707 -44.98 -14.83 15.00
C ILE J 707 -43.72 -14.15 15.51
N THR J 708 -43.50 -14.19 16.82
CA THR J 708 -42.35 -13.56 17.44
C THR J 708 -41.19 -14.56 17.56
N GLY J 709 -40.01 -14.01 17.81
CA GLY J 709 -38.81 -14.82 17.94
C GLY J 709 -37.66 -14.24 17.15
N PRO J 710 -36.61 -15.03 16.95
CA PRO J 710 -35.41 -14.51 16.28
C PRO J 710 -35.65 -14.08 14.84
N GLY J 711 -36.74 -14.53 14.20
CA GLY J 711 -37.00 -14.15 12.83
C GLY J 711 -37.36 -12.69 12.64
N MET J 712 -37.86 -12.03 13.68
CA MET J 712 -38.22 -10.63 13.60
C MET J 712 -37.04 -9.69 13.78
N LEU J 713 -35.87 -10.20 14.13
CA LEU J 713 -34.71 -9.36 14.39
C LEU J 713 -34.00 -8.97 13.09
N ALA J 714 -33.28 -7.85 13.15
CA ALA J 714 -32.34 -7.43 12.11
C ALA J 714 -33.01 -7.32 10.74
N THR J 715 -34.21 -6.76 10.71
CA THR J 715 -34.87 -6.50 9.45
C THR J 715 -34.18 -5.35 8.72
N GLY J 716 -33.87 -5.55 7.45
CA GLY J 716 -33.16 -4.56 6.67
C GLY J 716 -31.65 -4.59 6.81
N LEU J 717 -31.10 -5.57 7.53
CA LEU J 717 -29.66 -5.68 7.72
C LEU J 717 -29.06 -6.97 7.20
N ILE J 718 -29.86 -8.00 7.00
CA ILE J 718 -29.36 -9.31 6.58
C ILE J 718 -29.39 -9.39 5.06
N THR J 719 -28.32 -9.94 4.49
CA THR J 719 -28.26 -10.23 3.07
C THR J 719 -28.04 -11.73 2.88
N GLY J 720 -28.31 -12.20 1.66
CA GLY J 720 -28.22 -13.61 1.35
C GLY J 720 -29.48 -14.39 1.57
N THR J 721 -30.51 -13.78 2.15
CA THR J 721 -31.78 -14.46 2.34
C THR J 721 -32.47 -14.64 1.00
N PRO J 722 -33.37 -15.63 0.89
CA PRO J 722 -34.11 -15.80 -0.38
C PRO J 722 -34.86 -14.54 -0.79
N GLU J 723 -35.44 -13.82 0.17
CA GLU J 723 -36.11 -12.57 -0.15
C GLU J 723 -35.14 -11.53 -0.68
N PHE J 724 -33.95 -11.43 -0.07
CA PHE J 724 -32.92 -10.53 -0.59
C PHE J 724 -32.50 -10.94 -1.98
N ARG J 725 -32.27 -12.23 -2.20
CA ARG J 725 -31.94 -12.75 -3.52
C ARG J 725 -33.18 -12.80 -4.40
N LEU J 767 11.13 29.76 -18.99
CA LEU J 767 12.01 28.74 -18.42
C LEU J 767 11.97 27.45 -19.22
N VAL J 768 13.10 26.75 -19.26
CA VAL J 768 13.16 25.46 -19.96
C VAL J 768 12.25 24.44 -19.29
N CYS J 769 12.29 24.37 -17.97
CA CYS J 769 11.48 23.43 -17.21
C CYS J 769 10.24 24.12 -16.68
N ALA J 770 9.10 23.44 -16.80
CA ALA J 770 7.85 24.00 -16.31
C ALA J 770 7.89 24.14 -14.79
N PRO J 771 7.14 25.09 -14.23
CA PRO J 771 7.18 25.30 -12.77
C PRO J 771 6.79 24.04 -12.01
N ARG J 772 7.48 23.82 -10.90
CA ARG J 772 7.32 22.58 -10.12
C ARG J 772 5.94 22.50 -9.49
N SER J 773 5.39 23.64 -9.07
CA SER J 773 4.17 23.62 -8.27
C SER J 773 2.97 23.13 -9.09
N ASP J 774 2.82 23.62 -10.32
CA ASP J 774 1.62 23.41 -11.11
C ASP J 774 1.88 22.53 -12.34
N GLN J 775 2.71 21.50 -12.17
CA GLN J 775 2.96 20.57 -13.27
C GLN J 775 3.27 19.20 -12.65
N MET J 776 2.25 18.35 -12.61
CA MET J 776 2.40 17.00 -12.06
C MET J 776 2.69 16.04 -13.21
N ASP J 777 3.83 15.37 -13.14
CA ASP J 777 4.27 14.49 -14.21
C ASP J 777 3.46 13.20 -14.24
N ARG J 778 3.26 12.68 -15.45
CA ARG J 778 2.65 11.36 -15.59
C ARG J 778 3.50 10.29 -14.92
N VAL J 779 4.79 10.25 -15.26
CA VAL J 779 5.75 9.36 -14.62
C VAL J 779 6.86 10.22 -14.04
N SER J 780 7.15 10.02 -12.76
CA SER J 780 8.14 10.83 -12.08
C SER J 780 9.54 10.24 -12.27
N GLY J 781 10.54 10.96 -11.78
CA GLY J 781 11.90 10.49 -11.86
C GLY J 781 12.46 10.66 -13.27
N GLU J 782 12.96 9.57 -13.83
CA GLU J 782 13.56 9.61 -15.16
C GLU J 782 12.52 9.68 -16.26
N GLY J 783 11.26 9.44 -15.96
CA GLY J 783 10.19 9.58 -16.92
C GLY J 783 9.55 10.94 -16.99
N LYS J 784 10.10 11.93 -16.28
CA LYS J 784 9.50 13.25 -16.22
C LYS J 784 9.51 13.92 -17.59
N GLU J 785 8.39 14.58 -17.91
CA GLU J 785 8.28 15.39 -19.11
C GLU J 785 8.25 16.88 -18.81
N ARG J 786 8.57 17.27 -17.57
CA ARG J 786 8.46 18.66 -17.16
C ARG J 786 9.44 19.55 -17.92
N CYS J 787 10.68 19.09 -18.08
CA CYS J 787 11.71 19.88 -18.74
C CYS J 787 11.65 19.64 -20.25
N HIS J 788 11.63 20.73 -21.02
CA HIS J 788 11.50 20.67 -22.47
C HIS J 788 12.80 20.22 -23.08
N ILE J 789 12.86 18.96 -23.51
CA ILE J 789 14.04 18.39 -24.14
C ILE J 789 13.89 18.54 -25.66
N THR J 790 14.81 19.28 -26.27
CA THR J 790 14.83 19.40 -27.71
C THR J 790 15.67 18.28 -28.32
N GLY J 791 15.49 18.08 -29.62
CA GLY J 791 16.23 17.05 -30.31
C GLY J 791 15.51 15.71 -30.38
N ASP J 792 16.27 14.63 -30.50
CA ASP J 792 15.71 13.30 -30.73
C ASP J 792 15.53 12.57 -29.40
N ASP J 793 14.57 13.05 -28.62
CA ASP J 793 14.22 12.41 -27.36
C ASP J 793 13.17 11.32 -27.61
N TRP J 794 12.82 10.59 -26.55
CA TRP J 794 11.93 9.45 -26.68
C TRP J 794 10.45 9.82 -26.58
N SER J 795 10.14 11.11 -26.55
CA SER J 795 8.75 11.54 -26.52
C SER J 795 8.03 11.19 -27.82
N VAL J 796 6.72 11.00 -27.71
CA VAL J 796 5.89 10.54 -28.82
C VAL J 796 4.96 11.65 -29.23
N ASN J 797 4.78 11.82 -30.54
CA ASN J 797 3.88 12.82 -31.08
C ASN J 797 2.42 12.43 -30.86
N LYS J 798 1.53 13.39 -31.12
CA LYS J 798 0.10 13.17 -30.95
C LYS J 798 -0.47 12.21 -31.98
N HIS J 799 -0.03 12.31 -33.24
CA HIS J 799 -0.53 11.49 -34.32
C HIS J 799 0.21 10.16 -34.44
N ILE J 800 0.98 9.79 -33.43
CA ILE J 800 1.64 8.48 -33.38
C ILE J 800 0.87 7.59 -32.42
N THR J 801 0.63 6.36 -32.82
CA THR J 801 -0.23 5.44 -32.09
C THR J 801 0.56 4.24 -31.60
N GLY J 802 0.05 3.61 -30.54
CA GLY J 802 0.57 2.34 -30.08
C GLY J 802 1.15 2.42 -28.67
N THR J 803 1.49 1.23 -28.16
CA THR J 803 2.13 1.02 -26.87
C THR J 803 1.27 1.45 -25.70
N ALA J 804 1.28 2.74 -25.37
CA ALA J 804 0.52 3.25 -24.24
C ALA J 804 -0.87 3.70 -24.69
N GLY J 805 -1.59 4.38 -23.81
CA GLY J 805 -2.89 4.91 -24.17
C GLY J 805 -3.97 3.84 -24.18
N GLN J 806 -4.90 3.98 -25.13
CA GLN J 806 -5.97 3.00 -25.28
C GLN J 806 -5.44 1.62 -25.64
N TRP J 807 -4.25 1.55 -26.25
CA TRP J 807 -3.63 0.28 -26.64
C TRP J 807 -3.06 -0.48 -25.45
N ALA J 808 -3.32 -0.01 -24.22
CA ALA J 808 -2.93 -0.72 -23.01
C ALA J 808 -4.14 -0.87 -22.10
N SER J 809 -5.08 0.07 -22.18
CA SER J 809 -6.23 0.08 -21.29
C SER J 809 -7.45 -0.59 -21.89
N GLY J 810 -7.52 -0.74 -23.21
CA GLY J 810 -8.63 -1.43 -23.84
C GLY J 810 -8.49 -2.92 -23.97
N ARG J 811 -7.36 -3.48 -23.50
CA ARG J 811 -7.14 -4.91 -23.64
C ARG J 811 -8.05 -5.71 -22.71
N ASN J 812 -8.10 -5.35 -21.43
CA ASN J 812 -8.73 -6.19 -20.42
C ASN J 812 -10.01 -5.55 -19.90
N PRO J 813 -11.16 -6.22 -20.03
CA PRO J 813 -12.41 -5.65 -19.52
C PRO J 813 -12.35 -5.44 -18.01
N SER J 814 -12.96 -4.34 -17.56
CA SER J 814 -12.92 -3.98 -16.16
C SER J 814 -14.22 -3.27 -15.78
N MET J 815 -14.74 -3.59 -14.60
CA MET J 815 -15.90 -2.93 -14.03
C MET J 815 -15.52 -2.37 -12.67
N ARG J 816 -15.84 -1.09 -12.45
CA ARG J 816 -15.57 -0.45 -11.18
C ARG J 816 -16.74 -0.63 -10.22
N GLY J 817 -16.43 -0.59 -8.93
CA GLY J 817 -17.45 -0.75 -7.91
C GLY J 817 -17.93 0.57 -7.32
N GLU J 823 -11.90 5.46 5.54
CA GLU J 823 -10.58 4.92 5.83
C GLU J 823 -10.33 4.88 7.34
N THR J 824 -9.63 3.85 7.79
CA THR J 824 -9.33 3.66 9.21
C THR J 824 -7.82 3.56 9.37
N SER J 825 -7.20 4.59 9.94
CA SER J 825 -5.76 4.63 10.11
C SER J 825 -5.41 5.73 11.09
N ALA J 826 -4.13 5.78 11.45
CA ALA J 826 -3.64 6.82 12.36
C ALA J 826 -3.76 8.21 11.72
N PHE J 827 -3.43 8.32 10.43
CA PHE J 827 -3.50 9.62 9.76
C PHE J 827 -4.93 10.12 9.68
N ALA J 828 -5.87 9.24 9.36
CA ALA J 828 -7.27 9.64 9.25
C ALA J 828 -7.88 9.98 10.59
N ASN J 829 -7.23 9.59 11.69
CA ASN J 829 -7.74 9.81 13.04
C ASN J 829 -7.23 11.08 13.68
N ARG J 830 -6.46 11.90 12.96
CA ARG J 830 -5.87 13.08 13.57
C ARG J 830 -6.91 14.12 13.96
N ASN J 831 -8.11 14.05 13.39
CA ASN J 831 -9.19 14.98 13.71
C ASN J 831 -10.39 14.30 14.36
N VAL J 832 -10.20 13.11 14.95
CA VAL J 832 -11.36 12.49 15.62
C VAL J 832 -11.73 13.34 16.83
N PRO J 833 -13.02 13.49 17.14
CA PRO J 833 -13.41 14.26 18.32
C PRO J 833 -12.77 13.71 19.58
N LYS J 834 -12.30 14.60 20.43
CA LYS J 834 -11.68 14.25 21.70
C LYS J 834 -12.31 15.07 22.81
N PRO J 835 -12.32 14.55 24.03
CA PRO J 835 -12.83 15.34 25.16
C PRO J 835 -11.93 16.51 25.47
N GLU J 836 -12.39 17.36 26.39
CA GLU J 836 -11.60 18.52 26.81
C GLU J 836 -10.26 18.08 27.36
N LYS J 837 -9.22 18.82 27.01
CA LYS J 837 -7.88 18.52 27.49
C LYS J 837 -7.84 18.66 29.01
N PRO J 838 -7.25 17.71 29.72
CA PRO J 838 -7.23 17.79 31.19
C PRO J 838 -6.47 19.01 31.66
N GLY J 839 -6.96 19.60 32.74
CA GLY J 839 -6.30 20.73 33.37
C GLY J 839 -5.60 20.32 34.66
N SER J 840 -4.62 21.13 35.06
CA SER J 840 -3.86 20.91 36.28
C SER J 840 -4.19 22.03 37.27
N LYS J 841 -4.68 21.65 38.45
CA LYS J 841 -4.97 22.59 39.51
C LYS J 841 -3.97 22.53 40.65
N ILE J 842 -2.92 21.72 40.52
CA ILE J 842 -1.98 21.53 41.61
C ILE J 842 -1.11 22.77 41.79
N THR J 843 -0.63 22.97 43.01
CA THR J 843 0.26 24.08 43.33
C THR J 843 1.56 23.52 43.93
N GLY J 844 2.49 24.43 44.19
CA GLY J 844 3.84 24.04 44.52
C GLY J 844 4.68 23.79 43.28
N SER J 845 5.98 23.79 43.46
CA SER J 845 6.91 23.64 42.34
C SER J 845 6.98 22.17 41.97
N SER J 846 6.41 21.81 40.81
CA SER J 846 6.38 20.43 40.36
C SER J 846 6.58 20.33 38.85
N GLY J 847 7.26 21.30 38.25
CA GLY J 847 7.42 21.31 36.80
C GLY J 847 6.11 21.40 36.05
N ASN J 848 5.18 22.21 36.55
CA ASN J 848 3.81 22.23 36.03
C ASN J 848 3.71 23.17 34.82
N ASP J 849 4.38 22.77 33.74
CA ASP J 849 4.33 23.53 32.50
C ASP J 849 2.96 23.33 31.85
N THR J 850 2.35 24.43 31.43
CA THR J 850 1.02 24.40 30.83
C THR J 850 1.00 24.73 29.34
N GLN J 851 2.16 24.98 28.73
CA GLN J 851 2.21 25.39 27.34
C GLN J 851 2.70 24.30 26.40
N GLY J 852 3.50 23.36 26.89
CA GLY J 852 4.03 22.30 26.04
C GLY J 852 2.99 21.30 25.59
N SER J 853 3.45 20.15 25.10
CA SER J 853 2.54 19.12 24.63
C SER J 853 1.78 18.49 25.78
N LEU J 854 0.69 17.80 25.44
CA LEU J 854 -0.16 17.18 26.45
C LEU J 854 0.50 15.94 27.01
N ILE J 855 0.71 15.92 28.32
CA ILE J 855 1.23 14.77 29.04
C ILE J 855 0.14 14.30 29.99
N THR J 856 -0.17 13.00 29.95
CA THR J 856 -1.21 12.44 30.79
C THR J 856 -0.62 11.46 31.78
N TYR J 857 -1.15 11.46 33.00
CA TYR J 857 -0.84 10.50 34.03
C TYR J 857 -2.00 9.52 34.18
N SER J 858 -1.88 8.64 35.17
CA SER J 858 -2.89 7.61 35.40
C SER J 858 -4.26 8.23 35.61
N GLY J 859 -5.26 7.69 34.91
CA GLY J 859 -6.60 8.22 34.96
C GLY J 859 -6.87 9.40 34.05
N GLY J 860 -5.90 9.79 33.22
CA GLY J 860 -6.05 10.95 32.37
C GLY J 860 -5.68 12.27 33.00
N ALA J 861 -5.09 12.26 34.18
CA ALA J 861 -4.70 13.49 34.84
C ALA J 861 -3.59 14.20 34.06
N ARG J 862 -3.58 15.52 34.14
CA ARG J 862 -2.58 16.31 33.45
C ARG J 862 -1.24 16.21 34.19
N GLY J 863 -0.17 15.97 33.43
CA GLY J 863 1.15 15.84 34.01
C GLY J 863 2.28 16.22 33.06
#